data_1JJU
#
_entry.id   1JJU
#
_cell.length_a   99.489
_cell.length_b   99.489
_cell.length_c   214.489
_cell.angle_alpha   90.00
_cell.angle_beta   90.00
_cell.angle_gamma   90.00
#
_symmetry.space_group_name_H-M   'P 41 21 2'
#
loop_
_entity.id
_entity.type
_entity.pdbx_description
1 polymer 'QUINOHEMOPROTEIN AMINE DEHYDROGENASE'
2 polymer 'QUINOHEMOPROTEIN AMINE DEHYDROGENASE'
3 polymer 'QUINOHEMOPROTEIN AMINE DEHYDROGENASE'
4 non-polymer 'PROTOPORPHYRIN IX CONTAINING FE'
5 non-polymer 'TERTIARY-BUTYL ALCOHOL'
6 non-polymer 'SODIUM ION'
7 water water
#
loop_
_entity_poly.entity_id
_entity_poly.type
_entity_poly.pdbx_seq_one_letter_code
_entity_poly.pdbx_strand_id
1 'polypeptide(L)'
;VTGEEVLQNACAACHVQHEDGRWERIDAARKTPEGWDMTVTRMMRNHGVALEPEERAAIVRHLSDTRGLSLAETEERRYI
LEREPVAWDEGPDTSMTQTCGRCHSYARVALQRRTPEDWKHLVNFHLGQFPTLEYQALARDRDWWGIAQAEIIPFLARTY
PLGEAPDAYADDASGAYVLAGRQPGRGDYTGRLVLKKAGEDYEVTMTLDFADGSRSFSGTGRILGAGEWRATLSDGTVTI
RQIFALQDGRFSGRWHDADSDVIGGRLAAVKADAAPQVLAVAPARLKIGEETQLRVAGTGLGSDLTLPEGVAGSVESAGN
GVTVLKLTATGTPGPVSLELGGQKVDLVAYDRPDRISIVPDLTIARIGGNGGPIPKVPAQFEAMGWLNGPDGQPGTGDDI
ALGAFPASWATDNFDEEAEKMQDAKYAGSIDDTGLFTPAEAGPNPERPMQTNNAGNLKVIATVDAEGEPLSAEAHLYATV
QRFVDAPIR
;
A
2 'polypeptide(L)'
;RDYILAPARPDKLVVIDTEKMAVDKVITIADAGPTPMVPMVAPGGRIAYATVNKSESLVKIDLVTGETLGRIDLSTPEER
VKSLFGAALSPDGKTLAIYESPVRLELTHFEVQPTRVALYDAETLSRRKAFEAPRQITMLAWARDGSKLYGLGRDLHVMD
PEAGTLVEDKPIQSWEAETYAQPDVLAVWNQHESSGVMATPFYTARKDIDPADPTAYRTGLLTMDLETGEMAMREVRIMD
VFYFSTAVNPAKTRAFGAYNVLESFDLEKNASIKRVPLPHSYYSVNVSTDGSTVWLGGALGDLAAYDAETLEKKGQVDLP
GNASMSLASVRLFTRDE
;
B
3 'polypeptide(L)'
;MNALVGCTTSFDPGWEVDAFGAVSNLCQPMEADLYGCADPCW(TRQ)PAQVADTLNTYPNWSAGADDVMQDWRKLQSVFP
ETK
;
C
#
# COMPACT_ATOMS: atom_id res chain seq x y z
N VAL A 1 35.40 6.81 0.82
CA VAL A 1 34.93 5.60 1.55
C VAL A 1 34.66 4.46 0.55
N THR A 2 35.16 3.26 0.84
CA THR A 2 34.95 2.12 -0.05
C THR A 2 33.95 1.11 0.56
N GLY A 3 33.44 0.22 -0.29
CA GLY A 3 32.50 -0.78 0.16
C GLY A 3 33.14 -1.71 1.17
N GLU A 4 34.34 -2.18 0.86
CA GLU A 4 35.10 -3.07 1.73
C GLU A 4 35.21 -2.47 3.13
N GLU A 5 35.43 -1.17 3.18
CA GLU A 5 35.57 -0.44 4.42
C GLU A 5 34.30 -0.49 5.28
N VAL A 6 33.16 -0.17 4.69
CA VAL A 6 31.91 -0.18 5.43
C VAL A 6 31.57 -1.60 5.83
N LEU A 7 31.88 -2.54 4.95
CA LEU A 7 31.63 -3.95 5.18
C LEU A 7 32.37 -4.44 6.43
N GLN A 8 33.60 -3.95 6.61
CA GLN A 8 34.42 -4.35 7.75
C GLN A 8 34.21 -3.48 8.98
N ASN A 9 33.96 -2.20 8.76
CA ASN A 9 33.77 -1.26 9.88
C ASN A 9 32.34 -1.12 10.40
N ALA A 10 31.36 -1.46 9.57
CA ALA A 10 29.97 -1.33 9.99
C ALA A 10 29.18 -2.63 9.89
N CYS A 11 29.22 -3.27 8.73
CA CYS A 11 28.48 -4.50 8.52
C CYS A 11 28.95 -5.69 9.33
N ALA A 12 30.25 -5.75 9.57
CA ALA A 12 30.86 -6.85 10.32
C ALA A 12 30.50 -6.89 11.80
N ALA A 13 29.86 -5.84 12.31
CA ALA A 13 29.49 -5.83 13.71
C ALA A 13 28.42 -6.89 14.00
N CYS A 14 27.65 -7.24 12.98
CA CYS A 14 26.61 -8.26 13.14
C CYS A 14 26.75 -9.36 12.08
N HIS A 15 27.12 -8.98 10.86
CA HIS A 15 27.28 -9.94 9.77
C HIS A 15 28.66 -10.61 9.75
N VAL A 16 28.65 -11.93 9.89
CA VAL A 16 29.88 -12.71 9.91
C VAL A 16 30.53 -12.90 8.54
N GLN A 17 31.86 -12.86 8.53
CA GLN A 17 32.62 -13.10 7.31
C GLN A 17 33.23 -14.47 7.51
N HIS A 18 32.74 -15.46 6.77
CA HIS A 18 33.21 -16.83 6.88
C HIS A 18 34.64 -17.00 6.39
N GLU A 19 35.29 -18.10 6.78
CA GLU A 19 36.66 -18.35 6.35
C GLU A 19 36.68 -18.39 4.83
N ASP A 20 35.51 -18.67 4.27
CA ASP A 20 35.32 -18.74 2.83
C ASP A 20 35.42 -17.34 2.22
N GLY A 21 35.29 -16.32 3.07
CA GLY A 21 35.36 -14.95 2.59
C GLY A 21 33.98 -14.34 2.47
N ARG A 22 33.01 -15.18 2.09
CA ARG A 22 31.62 -14.75 1.94
C ARG A 22 31.03 -14.18 3.23
N TRP A 23 30.10 -13.25 3.09
CA TRP A 23 29.45 -12.62 4.23
C TRP A 23 28.07 -13.20 4.48
N GLU A 24 27.71 -13.35 5.75
CA GLU A 24 26.40 -13.89 6.12
C GLU A 24 25.31 -13.00 5.53
N ARG A 25 24.37 -13.62 4.81
CA ARG A 25 23.27 -12.90 4.16
C ARG A 25 23.74 -12.10 2.95
N ILE A 26 24.69 -11.19 3.18
CA ILE A 26 25.22 -10.33 2.11
C ILE A 26 25.44 -11.08 0.80
N ASP A 27 26.12 -12.23 0.87
CA ASP A 27 26.40 -13.00 -0.33
C ASP A 27 25.39 -14.06 -0.72
N ALA A 28 24.25 -14.10 -0.05
CA ALA A 28 23.22 -15.08 -0.38
C ALA A 28 22.13 -14.49 -1.28
N ALA A 29 22.35 -13.27 -1.78
CA ALA A 29 21.36 -12.63 -2.63
C ALA A 29 21.91 -11.54 -3.55
N ARG A 30 21.26 -11.40 -4.70
CA ARG A 30 21.60 -10.37 -5.68
C ARG A 30 20.33 -9.58 -6.00
N LYS A 31 20.47 -8.26 -6.08
CA LYS A 31 19.35 -7.36 -6.38
C LYS A 31 19.84 -6.09 -7.06
N THR A 32 18.90 -5.24 -7.44
CA THR A 32 19.20 -3.98 -8.11
C THR A 32 19.81 -2.94 -7.18
N PRO A 33 20.25 -1.81 -7.73
CA PRO A 33 20.85 -0.77 -6.87
C PRO A 33 19.81 -0.26 -5.87
N GLU A 34 18.57 -0.09 -6.34
CA GLU A 34 17.48 0.37 -5.49
C GLU A 34 17.21 -0.66 -4.40
N GLY A 35 17.33 -1.93 -4.76
CA GLY A 35 17.10 -2.99 -3.80
C GLY A 35 18.11 -2.95 -2.66
N TRP A 36 19.38 -2.84 -2.99
CA TRP A 36 20.40 -2.78 -1.97
C TRP A 36 20.23 -1.53 -1.14
N ASP A 37 19.73 -0.47 -1.75
CA ASP A 37 19.54 0.77 -1.03
C ASP A 37 18.52 0.58 0.08
N MET A 38 17.37 0.00 -0.27
CA MET A 38 16.30 -0.24 0.71
C MET A 38 16.81 -1.13 1.85
N THR A 39 17.65 -2.10 1.51
CA THR A 39 18.17 -3.00 2.54
C THR A 39 19.08 -2.23 3.49
N VAL A 40 19.93 -1.37 2.95
CA VAL A 40 20.84 -0.59 3.78
C VAL A 40 20.04 0.37 4.65
N THR A 41 18.98 0.93 4.09
CA THR A 41 18.12 1.85 4.82
C THR A 41 17.53 1.14 6.04
N ARG A 42 17.08 -0.10 5.84
CA ARG A 42 16.49 -0.84 6.94
C ARG A 42 17.50 -1.15 8.03
N MET A 43 18.76 -1.41 7.64
CA MET A 43 19.81 -1.70 8.63
C MET A 43 20.00 -0.48 9.51
N MET A 44 20.04 0.69 8.89
CA MET A 44 20.21 1.95 9.59
C MET A 44 18.99 2.24 10.46
N ARG A 45 17.80 2.08 9.85
CA ARG A 45 16.53 2.36 10.53
C ARG A 45 16.14 1.37 11.63
N ASN A 46 16.04 0.10 11.26
CA ASN A 46 15.61 -0.93 12.20
C ASN A 46 16.69 -1.42 13.17
N HIS A 47 17.91 -1.58 12.68
CA HIS A 47 18.96 -2.10 13.53
C HIS A 47 20.03 -1.10 13.95
N GLY A 48 19.63 0.16 14.07
CA GLY A 48 20.52 1.22 14.49
C GLY A 48 21.94 1.30 13.93
N VAL A 49 22.13 0.86 12.69
CA VAL A 49 23.47 0.90 12.11
C VAL A 49 23.81 2.32 11.65
N ALA A 50 24.74 2.96 12.36
CA ALA A 50 25.15 4.31 12.03
C ALA A 50 25.96 4.36 10.75
N LEU A 51 25.49 5.15 9.78
CA LEU A 51 26.19 5.31 8.51
C LEU A 51 26.22 6.77 8.08
N GLU A 52 27.42 7.27 7.80
CA GLU A 52 27.56 8.65 7.34
C GLU A 52 27.10 8.67 5.89
N PRO A 53 26.71 9.84 5.39
CA PRO A 53 26.25 9.94 4.01
C PRO A 53 27.14 9.23 2.97
N GLU A 54 28.45 9.41 3.06
CA GLU A 54 29.37 8.79 2.11
C GLU A 54 29.51 7.29 2.28
N GLU A 55 29.49 6.80 3.51
CA GLU A 55 29.60 5.38 3.78
C GLU A 55 28.38 4.67 3.22
N ARG A 56 27.21 5.24 3.49
CA ARG A 56 25.94 4.70 3.01
C ARG A 56 25.99 4.56 1.49
N ALA A 57 26.34 5.64 0.82
CA ALA A 57 26.41 5.64 -0.63
C ALA A 57 27.48 4.65 -1.10
N ALA A 58 28.55 4.54 -0.30
CA ALA A 58 29.64 3.63 -0.64
C ALA A 58 29.23 2.16 -0.66
N ILE A 59 28.69 1.64 0.44
CA ILE A 59 28.30 0.22 0.43
C ILE A 59 27.17 -0.05 -0.54
N VAL A 60 26.22 0.89 -0.64
CA VAL A 60 25.12 0.69 -1.57
C VAL A 60 25.71 0.50 -2.95
N ARG A 61 26.67 1.37 -3.30
CA ARG A 61 27.31 1.30 -4.61
C ARG A 61 28.12 0.02 -4.76
N HIS A 62 28.87 -0.34 -3.72
CA HIS A 62 29.68 -1.54 -3.75
C HIS A 62 28.84 -2.81 -3.92
N LEU A 63 27.68 -2.84 -3.27
CA LEU A 63 26.80 -3.99 -3.37
C LEU A 63 26.19 -4.08 -4.77
N SER A 64 25.92 -2.93 -5.38
CA SER A 64 25.33 -2.91 -6.71
C SER A 64 26.36 -3.28 -7.78
N ASP A 65 27.64 -3.02 -7.49
CA ASP A 65 28.70 -3.32 -8.44
C ASP A 65 29.13 -4.77 -8.37
N THR A 66 29.06 -5.36 -7.18
CA THR A 66 29.48 -6.74 -6.99
C THR A 66 28.36 -7.77 -6.91
N ARG A 67 27.22 -7.37 -6.35
CA ARG A 67 26.12 -8.32 -6.18
C ARG A 67 24.82 -7.84 -6.81
N GLY A 68 24.92 -7.34 -8.03
CA GLY A 68 23.76 -6.87 -8.75
C GLY A 68 23.23 -7.90 -9.73
N LEU A 69 22.33 -7.47 -10.60
CA LEU A 69 21.74 -8.36 -11.57
C LEU A 69 22.22 -7.94 -12.96
N SER A 70 21.98 -8.78 -13.94
CA SER A 70 22.34 -8.47 -15.30
C SER A 70 21.16 -7.68 -15.83
N LEU A 71 21.33 -6.97 -16.93
CA LEU A 71 20.22 -6.23 -17.48
C LEU A 71 19.11 -7.20 -17.90
N ALA A 72 19.50 -8.36 -18.42
CA ALA A 72 18.52 -9.34 -18.86
C ALA A 72 17.65 -9.82 -17.70
N GLU A 73 18.20 -9.80 -16.49
CA GLU A 73 17.45 -10.23 -15.32
C GLU A 73 16.42 -9.21 -14.82
N THR A 74 16.43 -8.01 -15.40
CA THR A 74 15.47 -6.99 -15.00
C THR A 74 14.38 -6.86 -16.06
N GLU A 75 14.54 -7.58 -17.17
CA GLU A 75 13.56 -7.51 -18.24
C GLU A 75 12.15 -7.79 -17.73
N GLU A 76 11.18 -7.02 -18.23
CA GLU A 76 9.79 -7.16 -17.83
C GLU A 76 9.50 -6.44 -16.53
N ARG A 77 10.53 -6.14 -15.75
CA ARG A 77 10.32 -5.48 -14.46
C ARG A 77 10.96 -4.11 -14.29
N ARG A 78 11.48 -3.51 -15.36
CA ARG A 78 12.11 -2.21 -15.25
C ARG A 78 11.14 -1.09 -14.92
N TYR A 79 9.85 -1.30 -15.18
CA TYR A 79 8.85 -0.27 -14.90
C TYR A 79 8.91 0.19 -13.44
N ILE A 80 9.21 -0.73 -12.53
CA ILE A 80 9.27 -0.42 -11.11
C ILE A 80 10.54 0.37 -10.73
N LEU A 81 11.61 0.22 -11.50
CA LEU A 81 12.84 0.95 -11.21
C LEU A 81 12.75 2.38 -11.78
N GLU A 82 12.02 2.52 -12.87
CA GLU A 82 11.85 3.81 -13.56
C GLU A 82 10.71 4.68 -13.01
N ARG A 83 9.93 4.15 -12.09
CA ARG A 83 8.79 4.90 -11.54
C ARG A 83 7.84 5.19 -12.69
N GLU A 84 7.88 4.32 -13.71
CA GLU A 84 7.01 4.47 -14.87
C GLU A 84 5.55 4.49 -14.40
N PRO A 85 4.86 5.63 -14.60
CA PRO A 85 3.46 5.73 -14.16
C PRO A 85 2.47 4.80 -14.86
N VAL A 86 2.72 4.49 -16.14
CA VAL A 86 1.83 3.61 -16.90
C VAL A 86 2.37 2.18 -16.87
N ALA A 87 2.01 1.45 -15.82
CA ALA A 87 2.50 0.09 -15.66
C ALA A 87 1.45 -0.90 -15.16
N TRP A 88 1.80 -2.18 -15.20
CA TRP A 88 0.93 -3.26 -14.74
C TRP A 88 1.82 -4.22 -13.98
N ASP A 89 1.46 -4.50 -12.74
CA ASP A 89 2.26 -5.40 -11.93
C ASP A 89 1.51 -6.60 -11.38
N GLU A 90 2.10 -7.78 -11.56
CA GLU A 90 1.50 -9.02 -11.07
C GLU A 90 2.54 -10.12 -10.98
N GLY A 91 2.21 -11.20 -10.27
CA GLY A 91 3.11 -12.31 -10.13
C GLY A 91 2.85 -13.36 -11.18
N PRO A 92 3.58 -14.49 -11.17
CA PRO A 92 3.41 -15.57 -12.14
C PRO A 92 2.08 -16.33 -12.03
N ASP A 93 1.45 -16.30 -10.86
CA ASP A 93 0.17 -16.96 -10.69
C ASP A 93 -0.64 -16.27 -9.60
N THR A 94 -1.90 -16.67 -9.46
CA THR A 94 -2.78 -16.07 -8.46
C THR A 94 -2.21 -16.16 -7.06
N SER A 95 -1.75 -17.35 -6.68
CA SER A 95 -1.16 -17.55 -5.36
C SER A 95 -0.04 -16.56 -5.08
N MET A 96 0.93 -16.46 -5.98
CA MET A 96 2.05 -15.55 -5.77
C MET A 96 1.64 -14.08 -5.78
N THR A 97 0.73 -13.72 -6.68
CA THR A 97 0.25 -12.36 -6.77
C THR A 97 -0.41 -11.96 -5.46
N GLN A 98 -1.28 -12.84 -4.96
CA GLN A 98 -1.98 -12.58 -3.71
C GLN A 98 -1.10 -12.51 -2.48
N THR A 99 -0.19 -13.45 -2.31
CA THR A 99 0.63 -13.42 -1.10
C THR A 99 1.86 -12.54 -1.13
N CYS A 100 2.32 -12.14 -2.33
CA CYS A 100 3.52 -11.33 -2.42
C CYS A 100 3.40 -9.97 -3.08
N GLY A 101 2.31 -9.74 -3.79
CA GLY A 101 2.14 -8.47 -4.45
C GLY A 101 0.96 -7.67 -3.96
N ARG A 102 0.52 -7.94 -2.74
CA ARG A 102 -0.63 -7.25 -2.15
C ARG A 102 -0.25 -6.05 -1.31
N CYS A 103 1.01 -5.98 -0.89
CA CYS A 103 1.47 -4.84 -0.10
C CYS A 103 2.34 -3.99 -1.03
N HIS A 104 3.41 -4.58 -1.53
CA HIS A 104 4.27 -3.89 -2.48
C HIS A 104 4.15 -4.63 -3.80
N SER A 105 4.74 -4.05 -4.84
CA SER A 105 4.70 -4.66 -6.17
C SER A 105 5.33 -6.04 -6.15
N TYR A 106 4.88 -6.90 -7.05
CA TYR A 106 5.47 -8.22 -7.14
C TYR A 106 6.86 -8.03 -7.77
N ALA A 107 7.02 -6.92 -8.50
CA ALA A 107 8.28 -6.59 -9.15
C ALA A 107 9.42 -6.50 -8.12
N ARG A 108 9.10 -6.13 -6.89
CA ARG A 108 10.14 -6.04 -5.85
C ARG A 108 10.69 -7.45 -5.60
N VAL A 109 9.85 -8.46 -5.80
CA VAL A 109 10.27 -9.84 -5.59
C VAL A 109 11.08 -10.35 -6.77
N ALA A 110 10.51 -10.19 -7.97
CA ALA A 110 11.13 -10.67 -9.20
C ALA A 110 12.49 -10.06 -9.52
N LEU A 111 12.84 -8.97 -8.85
CA LEU A 111 14.13 -8.32 -9.09
C LEU A 111 15.17 -8.71 -8.06
N GLN A 112 15.02 -9.93 -7.54
CA GLN A 112 15.95 -10.44 -6.55
C GLN A 112 16.27 -11.91 -6.81
N ARG A 113 17.49 -12.30 -6.45
CA ARG A 113 17.97 -13.67 -6.65
C ARG A 113 18.61 -14.11 -5.35
N ARG A 114 18.19 -15.25 -4.83
CA ARG A 114 18.74 -15.75 -3.58
C ARG A 114 18.85 -17.26 -3.53
N THR A 115 19.50 -17.75 -2.47
CA THR A 115 19.67 -19.17 -2.24
C THR A 115 18.41 -19.63 -1.51
N PRO A 116 18.01 -20.90 -1.69
CA PRO A 116 16.80 -21.41 -1.02
C PRO A 116 16.76 -21.05 0.47
N GLU A 117 17.91 -21.14 1.13
CA GLU A 117 18.00 -20.81 2.54
C GLU A 117 17.70 -19.33 2.79
N ASP A 118 18.23 -18.46 1.95
CA ASP A 118 18.00 -17.04 2.17
C ASP A 118 16.56 -16.61 1.89
N TRP A 119 15.90 -17.27 0.95
CA TRP A 119 14.51 -16.97 0.64
C TRP A 119 13.66 -17.33 1.86
N LYS A 120 14.16 -18.31 2.62
CA LYS A 120 13.50 -18.75 3.85
C LYS A 120 13.59 -17.64 4.87
N HIS A 121 14.80 -17.11 5.05
CA HIS A 121 15.04 -16.03 6.00
C HIS A 121 14.17 -14.84 5.65
N LEU A 122 14.10 -14.55 4.36
CA LEU A 122 13.30 -13.41 3.92
C LEU A 122 11.83 -13.55 4.31
N VAL A 123 11.25 -14.73 4.10
CA VAL A 123 9.85 -14.94 4.45
C VAL A 123 9.68 -14.92 5.97
N ASN A 124 10.72 -15.31 6.70
CA ASN A 124 10.69 -15.30 8.16
C ASN A 124 10.80 -13.86 8.59
N PHE A 125 11.51 -13.07 7.80
CA PHE A 125 11.68 -11.65 8.11
C PHE A 125 10.32 -10.97 8.03
N HIS A 126 9.55 -11.30 7.00
CA HIS A 126 8.23 -10.71 6.82
C HIS A 126 7.28 -10.98 7.99
N LEU A 127 7.09 -12.25 8.33
CA LEU A 127 6.19 -12.56 9.45
C LEU A 127 6.74 -12.07 10.77
N GLY A 128 8.06 -11.93 10.86
CA GLY A 128 8.67 -11.46 12.09
C GLY A 128 8.62 -9.96 12.24
N GLN A 129 8.72 -9.24 11.12
CA GLN A 129 8.69 -7.78 11.14
C GLN A 129 7.25 -7.26 11.11
N PHE A 130 6.38 -7.98 10.41
CA PHE A 130 4.98 -7.58 10.30
C PHE A 130 4.15 -8.77 10.70
N PRO A 131 4.10 -9.07 12.00
CA PRO A 131 3.33 -10.20 12.52
C PRO A 131 1.85 -10.22 12.19
N THR A 132 1.26 -9.05 11.91
CA THR A 132 -0.16 -8.99 11.58
C THR A 132 -0.40 -9.37 10.13
N LEU A 133 0.69 -9.54 9.40
CA LEU A 133 0.63 -9.92 8.00
C LEU A 133 -0.34 -11.08 7.78
N GLU A 134 -0.24 -12.12 8.61
CA GLU A 134 -1.09 -13.30 8.49
C GLU A 134 -2.55 -13.10 8.92
N TYR A 135 -2.91 -11.86 9.29
CA TYR A 135 -4.26 -11.53 9.73
C TYR A 135 -5.01 -10.69 8.72
N GLN A 136 -4.28 -10.21 7.71
CA GLN A 136 -4.87 -9.34 6.70
C GLN A 136 -5.56 -10.08 5.57
N ALA A 137 -6.28 -9.33 4.75
CA ALA A 137 -6.99 -9.88 3.60
C ALA A 137 -6.03 -10.68 2.74
N LEU A 138 -6.51 -11.83 2.25
CA LEU A 138 -5.74 -12.73 1.40
C LEU A 138 -4.76 -13.61 2.18
N ALA A 139 -4.75 -13.46 3.50
CA ALA A 139 -3.87 -14.22 4.37
C ALA A 139 -4.63 -14.91 5.51
N ARG A 140 -5.63 -14.23 6.08
CA ARG A 140 -6.40 -14.83 7.17
C ARG A 140 -7.42 -15.82 6.63
N ASP A 141 -7.52 -15.92 5.31
CA ASP A 141 -8.45 -16.83 4.64
C ASP A 141 -7.78 -18.17 4.38
N ARG A 142 -6.59 -18.34 4.91
CA ARG A 142 -5.81 -19.56 4.69
C ARG A 142 -4.73 -19.74 5.75
N ASP A 143 -4.10 -20.90 5.72
CA ASP A 143 -3.02 -21.20 6.65
C ASP A 143 -1.80 -20.56 6.03
N TRP A 144 -1.64 -19.26 6.26
CA TRP A 144 -0.53 -18.52 5.69
C TRP A 144 0.84 -19.14 5.96
N TRP A 145 1.20 -19.23 7.24
CA TRP A 145 2.48 -19.79 7.64
C TRP A 145 2.69 -21.20 7.10
N GLY A 146 1.66 -22.03 7.18
CA GLY A 146 1.77 -23.39 6.68
C GLY A 146 2.10 -23.43 5.21
N ILE A 147 1.41 -22.60 4.43
CA ILE A 147 1.61 -22.53 2.99
C ILE A 147 2.92 -21.81 2.61
N ALA A 148 3.35 -20.87 3.45
CA ALA A 148 4.59 -20.15 3.19
C ALA A 148 5.74 -21.15 3.15
N GLN A 149 5.75 -22.06 4.10
CA GLN A 149 6.79 -23.08 4.22
C GLN A 149 6.71 -24.18 3.19
N ALA A 150 5.51 -24.69 2.92
CA ALA A 150 5.35 -25.78 1.97
C ALA A 150 5.35 -25.38 0.50
N GLU A 151 4.74 -24.24 0.18
CA GLU A 151 4.64 -23.81 -1.21
C GLU A 151 5.42 -22.56 -1.62
N ILE A 152 5.24 -21.46 -0.91
CA ILE A 152 5.89 -20.21 -1.27
C ILE A 152 7.41 -20.23 -1.25
N ILE A 153 8.02 -20.62 -0.13
CA ILE A 153 9.48 -20.66 -0.05
C ILE A 153 10.08 -21.55 -1.15
N PRO A 154 9.53 -22.77 -1.35
CA PRO A 154 10.09 -23.64 -2.39
C PRO A 154 9.91 -23.04 -3.78
N PHE A 155 8.90 -22.19 -3.93
CA PHE A 155 8.66 -21.57 -5.23
C PHE A 155 9.69 -20.49 -5.49
N LEU A 156 9.96 -19.68 -4.48
CA LEU A 156 10.91 -18.60 -4.61
C LEU A 156 12.30 -19.15 -4.90
N ALA A 157 12.72 -20.12 -4.09
CA ALA A 157 14.02 -20.75 -4.24
C ALA A 157 14.17 -21.37 -5.62
N ARG A 158 13.11 -22.03 -6.07
CA ARG A 158 13.09 -22.68 -7.37
C ARG A 158 13.08 -21.68 -8.52
N THR A 159 12.25 -20.65 -8.39
CA THR A 159 12.10 -19.65 -9.43
C THR A 159 13.16 -18.54 -9.50
N TYR A 160 13.70 -18.11 -8.36
CA TYR A 160 14.70 -17.04 -8.40
C TYR A 160 15.99 -17.45 -7.68
N PRO A 161 16.71 -18.45 -8.22
CA PRO A 161 17.96 -18.94 -7.63
C PRO A 161 19.07 -17.90 -7.68
N LEU A 162 20.02 -18.01 -6.76
CA LEU A 162 21.12 -17.06 -6.67
C LEU A 162 21.83 -16.80 -7.99
N GLY A 163 22.33 -17.84 -8.62
CA GLY A 163 23.06 -17.66 -9.87
C GLY A 163 24.36 -16.92 -9.58
N GLU A 164 24.86 -16.18 -10.55
CA GLU A 164 26.12 -15.44 -10.36
C GLU A 164 26.03 -13.99 -10.81
N ALA A 165 26.61 -13.10 -10.02
CA ALA A 165 26.61 -11.68 -10.35
C ALA A 165 27.37 -11.43 -11.66
N PRO A 166 26.85 -10.55 -12.52
CA PRO A 166 27.50 -10.24 -13.80
C PRO A 166 28.75 -9.39 -13.56
N ASP A 167 29.60 -9.28 -14.57
CA ASP A 167 30.79 -8.47 -14.44
C ASP A 167 30.40 -7.00 -14.51
N ALA A 168 31.02 -6.19 -13.67
CA ALA A 168 30.72 -4.76 -13.65
C ALA A 168 31.01 -4.15 -15.02
N TYR A 169 30.42 -3.00 -15.28
CA TYR A 169 30.62 -2.31 -16.53
C TYR A 169 32.01 -1.69 -16.51
N ALA A 170 32.89 -2.19 -17.38
CA ALA A 170 34.25 -1.69 -17.46
C ALA A 170 34.42 -1.07 -18.84
N ASP A 171 34.46 0.25 -18.88
CA ASP A 171 34.61 0.98 -20.13
C ASP A 171 34.35 2.46 -19.81
N ASP A 172 34.78 3.32 -20.71
CA ASP A 172 34.59 4.75 -20.53
C ASP A 172 33.42 5.18 -21.40
N ALA A 173 32.38 5.72 -20.77
CA ALA A 173 31.20 6.14 -21.49
C ALA A 173 31.22 7.61 -21.91
N SER A 174 32.28 8.32 -21.52
CA SER A 174 32.44 9.75 -21.85
C SER A 174 32.21 10.05 -23.33
N GLY A 175 31.76 11.25 -23.62
CA GLY A 175 31.52 11.63 -25.00
C GLY A 175 30.16 12.25 -25.25
N ALA A 176 29.93 12.66 -26.49
CA ALA A 176 28.67 13.26 -26.87
C ALA A 176 27.74 12.20 -27.45
N TYR A 177 26.46 12.31 -27.11
CA TYR A 177 25.44 11.37 -27.58
C TYR A 177 24.29 12.12 -28.20
N VAL A 178 23.57 11.44 -29.09
CA VAL A 178 22.40 12.04 -29.71
C VAL A 178 21.22 11.30 -29.08
N LEU A 179 20.17 12.02 -28.71
CA LEU A 179 19.03 11.37 -28.09
C LEU A 179 17.70 11.74 -28.71
N ALA A 180 16.71 10.90 -28.48
CA ALA A 180 15.37 11.11 -28.98
C ALA A 180 14.44 10.38 -28.02
N GLY A 181 13.27 10.97 -27.79
CA GLY A 181 12.31 10.36 -26.88
C GLY A 181 10.99 11.12 -26.83
N ARG A 182 10.25 10.94 -25.75
CA ARG A 182 8.96 11.59 -25.59
C ARG A 182 8.63 11.84 -24.12
N GLN A 183 7.87 12.91 -23.87
CA GLN A 183 7.45 13.27 -22.52
C GLN A 183 5.93 13.42 -22.59
N PRO A 184 5.20 12.41 -22.09
CA PRO A 184 3.74 12.52 -22.13
C PRO A 184 3.24 13.86 -21.57
N GLY A 185 2.27 14.46 -22.27
CA GLY A 185 1.76 15.74 -21.83
C GLY A 185 2.44 16.91 -22.53
N ARG A 186 3.68 16.71 -23.00
CA ARG A 186 4.39 17.78 -23.70
C ARG A 186 4.69 17.42 -25.15
N GLY A 187 5.22 16.22 -25.38
CA GLY A 187 5.50 15.82 -26.74
C GLY A 187 6.87 15.21 -26.99
N ASP A 188 7.18 15.07 -28.26
CA ASP A 188 8.45 14.48 -28.68
C ASP A 188 9.62 15.43 -28.57
N TYR A 189 10.81 14.86 -28.55
CA TYR A 189 12.00 15.68 -28.45
C TYR A 189 13.23 14.96 -28.96
N THR A 190 14.25 15.77 -29.23
CA THR A 190 15.53 15.28 -29.69
C THR A 190 16.48 15.98 -28.72
N GLY A 191 17.78 15.76 -28.83
CA GLY A 191 18.67 16.42 -27.91
C GLY A 191 20.03 15.77 -27.81
N ARG A 192 20.85 16.30 -26.91
CA ARG A 192 22.19 15.78 -26.72
C ARG A 192 22.42 15.36 -25.28
N LEU A 193 23.37 14.46 -25.09
CA LEU A 193 23.72 13.97 -23.78
C LEU A 193 25.24 13.84 -23.82
N VAL A 194 25.94 14.59 -22.97
CA VAL A 194 27.40 14.46 -22.96
C VAL A 194 27.92 14.06 -21.58
N LEU A 195 28.85 13.12 -21.58
CA LEU A 195 29.47 12.64 -20.35
C LEU A 195 30.96 12.94 -20.30
N LYS A 196 31.42 13.34 -19.12
CA LYS A 196 32.82 13.66 -18.88
C LYS A 196 33.23 12.90 -17.62
N LYS A 197 34.08 11.89 -17.77
CA LYS A 197 34.50 11.12 -16.61
C LYS A 197 35.10 12.01 -15.53
N ALA A 198 34.84 11.65 -14.28
CA ALA A 198 35.33 12.38 -13.13
C ALA A 198 35.44 11.34 -12.03
N GLY A 199 36.62 10.74 -11.91
CA GLY A 199 36.82 9.70 -10.93
C GLY A 199 36.03 8.50 -11.37
N GLU A 200 35.16 8.00 -10.51
CA GLU A 200 34.35 6.84 -10.87
C GLU A 200 33.00 7.27 -11.41
N ASP A 201 32.75 8.58 -11.36
CA ASP A 201 31.49 9.13 -11.86
C ASP A 201 31.64 9.81 -13.21
N TYR A 202 30.56 10.44 -13.65
CA TYR A 202 30.56 11.16 -14.91
C TYR A 202 29.81 12.47 -14.72
N GLU A 203 30.34 13.54 -15.30
CA GLU A 203 29.67 14.82 -15.26
C GLU A 203 28.68 14.65 -16.39
N VAL A 204 27.46 15.14 -16.20
CA VAL A 204 26.46 14.93 -17.23
C VAL A 204 25.60 16.13 -17.52
N THR A 205 25.35 16.36 -18.80
CA THR A 205 24.50 17.43 -19.24
C THR A 205 23.57 16.86 -20.29
N MET A 206 22.28 17.00 -20.07
CA MET A 206 21.30 16.50 -21.01
C MET A 206 20.50 17.68 -21.52
N THR A 207 20.44 17.82 -22.84
CA THR A 207 19.68 18.90 -23.44
C THR A 207 18.48 18.29 -24.16
N LEU A 208 17.30 18.85 -23.93
CA LEU A 208 16.09 18.37 -24.57
C LEU A 208 15.55 19.46 -25.49
N ASP A 209 15.32 19.10 -26.75
CA ASP A 209 14.81 20.06 -27.73
C ASP A 209 13.40 19.70 -28.15
N PHE A 210 12.42 20.47 -27.70
CA PHE A 210 11.03 20.23 -28.11
C PHE A 210 10.78 21.27 -29.19
N ALA A 211 9.72 21.08 -29.96
CA ALA A 211 9.42 22.04 -31.02
C ALA A 211 9.19 23.45 -30.47
N ASP A 212 8.85 23.53 -29.18
CA ASP A 212 8.57 24.81 -28.54
C ASP A 212 9.73 25.32 -27.68
N GLY A 213 10.93 24.83 -27.92
CA GLY A 213 12.07 25.26 -27.13
C GLY A 213 12.97 24.14 -26.62
N SER A 214 14.12 24.52 -26.06
CA SER A 214 15.07 23.57 -25.52
C SER A 214 15.43 23.94 -24.09
N ARG A 215 16.05 23.00 -23.38
CA ARG A 215 16.46 23.23 -22.00
C ARG A 215 17.56 22.23 -21.62
N SER A 216 18.52 22.68 -20.83
CA SER A 216 19.62 21.81 -20.42
C SER A 216 19.72 21.64 -18.92
N PHE A 217 20.05 20.43 -18.50
CA PHE A 217 20.22 20.12 -17.09
C PHE A 217 21.63 19.60 -16.92
N SER A 218 22.21 19.81 -15.74
CA SER A 218 23.57 19.37 -15.48
C SER A 218 23.72 18.76 -14.11
N GLY A 219 24.54 17.72 -14.03
CA GLY A 219 24.76 17.05 -12.77
C GLY A 219 25.74 15.91 -12.88
N THR A 220 25.61 14.97 -11.96
CA THR A 220 26.48 13.81 -11.89
C THR A 220 25.73 12.53 -12.12
N GLY A 221 26.43 11.55 -12.69
CA GLY A 221 25.84 10.26 -12.95
C GLY A 221 26.88 9.17 -12.76
N ARG A 222 26.44 7.93 -12.76
CA ARG A 222 27.34 6.81 -12.59
C ARG A 222 26.69 5.52 -13.08
N ILE A 223 27.53 4.53 -13.34
CA ILE A 223 27.07 3.25 -13.82
C ILE A 223 27.24 2.23 -12.69
N LEU A 224 26.15 1.54 -12.34
CA LEU A 224 26.20 0.58 -11.27
C LEU A 224 26.03 -0.84 -11.81
N GLY A 225 26.98 -1.70 -11.44
CA GLY A 225 26.93 -3.09 -11.88
C GLY A 225 27.17 -3.28 -13.37
N ALA A 226 26.41 -4.17 -13.98
CA ALA A 226 26.55 -4.47 -15.40
C ALA A 226 26.17 -3.30 -16.33
N GLY A 227 25.16 -2.54 -15.95
CA GLY A 227 24.75 -1.44 -16.80
C GLY A 227 23.59 -0.59 -16.32
N GLU A 228 23.48 -0.42 -15.01
CA GLU A 228 22.40 0.40 -14.47
C GLU A 228 22.88 1.83 -14.35
N TRP A 229 22.38 2.71 -15.21
CA TRP A 229 22.77 4.11 -15.17
C TRP A 229 21.81 4.93 -14.32
N ARG A 230 22.38 5.65 -13.37
CA ARG A 230 21.60 6.51 -12.48
C ARG A 230 22.27 7.89 -12.41
N ALA A 231 21.49 8.95 -12.58
CA ALA A 231 22.03 10.31 -12.52
C ALA A 231 21.02 11.33 -12.01
N THR A 232 21.54 12.40 -11.42
CA THR A 232 20.73 13.49 -10.90
C THR A 232 21.22 14.78 -11.57
N LEU A 233 20.33 15.43 -12.31
CA LEU A 233 20.69 16.66 -13.02
C LEU A 233 19.78 17.83 -12.61
N SER A 234 20.31 19.05 -12.75
CA SER A 234 19.54 20.24 -12.37
C SER A 234 19.64 21.39 -13.36
N ASP A 235 18.72 22.33 -13.19
CA ASP A 235 18.65 23.54 -13.99
C ASP A 235 17.75 24.48 -13.20
N GLY A 236 18.34 25.48 -12.59
CA GLY A 236 17.56 26.39 -11.79
C GLY A 236 17.05 25.63 -10.58
N THR A 237 15.78 25.80 -10.25
CA THR A 237 15.21 25.12 -9.10
C THR A 237 14.62 23.76 -9.48
N VAL A 238 14.83 23.34 -10.73
CA VAL A 238 14.31 22.05 -11.18
C VAL A 238 15.35 20.96 -11.17
N THR A 239 14.98 19.81 -10.61
CA THR A 239 15.88 18.67 -10.54
C THR A 239 15.18 17.43 -11.11
N ILE A 240 15.93 16.68 -11.91
CA ILE A 240 15.41 15.47 -12.52
C ILE A 240 16.35 14.30 -12.24
N ARG A 241 15.84 13.09 -12.42
CA ARG A 241 16.64 11.89 -12.21
C ARG A 241 16.59 10.99 -13.43
N GLN A 242 17.74 10.43 -13.77
CA GLN A 242 17.84 9.53 -14.91
C GLN A 242 17.95 8.10 -14.38
N ILE A 243 17.16 7.20 -14.95
CA ILE A 243 17.20 5.80 -14.57
C ILE A 243 17.29 5.07 -15.91
N PHE A 244 18.51 4.90 -16.38
CA PHE A 244 18.75 4.28 -17.67
C PHE A 244 19.50 2.95 -17.62
N ALA A 245 19.42 2.22 -18.74
CA ALA A 245 20.12 0.96 -18.90
C ALA A 245 21.16 1.28 -19.95
N LEU A 246 22.41 0.92 -19.69
CA LEU A 246 23.49 1.18 -20.64
C LEU A 246 23.99 -0.16 -21.21
N GLN A 247 23.80 -0.36 -22.50
CA GLN A 247 24.23 -1.60 -23.13
C GLN A 247 24.67 -1.34 -24.58
N ASP A 248 25.86 -1.81 -24.93
CA ASP A 248 26.42 -1.64 -26.27
C ASP A 248 26.57 -0.15 -26.60
N GLY A 249 27.07 0.62 -25.63
CA GLY A 249 27.26 2.04 -25.86
C GLY A 249 25.96 2.82 -26.04
N ARG A 250 24.83 2.19 -25.76
CA ARG A 250 23.55 2.87 -25.90
C ARG A 250 22.76 2.96 -24.59
N PHE A 251 22.25 4.15 -24.31
CA PHE A 251 21.44 4.39 -23.11
C PHE A 251 19.97 4.25 -23.46
N SER A 252 19.22 3.62 -22.57
CA SER A 252 17.79 3.41 -22.78
C SER A 252 17.09 3.49 -21.43
N GLY A 253 15.96 4.19 -21.36
CA GLY A 253 15.27 4.29 -20.09
C GLY A 253 14.37 5.50 -19.88
N ARG A 254 14.11 5.81 -18.60
CA ARG A 254 13.24 6.91 -18.25
C ARG A 254 13.88 7.88 -17.28
N TRP A 255 13.54 9.15 -17.43
CA TRP A 255 14.03 10.19 -16.51
C TRP A 255 12.74 10.81 -15.99
N HIS A 256 12.80 11.44 -14.82
CA HIS A 256 11.60 12.06 -14.28
C HIS A 256 11.92 13.23 -13.38
N ASP A 257 10.90 14.02 -13.10
CA ASP A 257 11.02 15.18 -12.22
C ASP A 257 11.33 14.57 -10.85
N ALA A 258 12.34 15.09 -10.18
CA ALA A 258 12.72 14.57 -8.87
C ALA A 258 11.70 14.86 -7.77
N ASP A 259 10.79 15.81 -8.03
CA ASP A 259 9.76 16.16 -7.04
C ASP A 259 8.40 15.55 -7.39
N SER A 260 8.34 14.82 -8.49
CA SER A 260 7.08 14.19 -8.92
C SER A 260 7.42 13.21 -10.03
N ASP A 261 7.70 11.98 -9.65
CA ASP A 261 8.10 10.97 -10.63
C ASP A 261 7.08 10.58 -11.69
N VAL A 262 5.83 11.01 -11.52
CA VAL A 262 4.79 10.71 -12.52
C VAL A 262 5.07 11.53 -13.77
N ILE A 263 5.83 12.61 -13.59
CA ILE A 263 6.18 13.49 -14.68
C ILE A 263 7.58 13.13 -15.14
N GLY A 264 7.71 12.77 -16.41
CA GLY A 264 9.02 12.41 -16.93
C GLY A 264 9.00 12.01 -18.38
N GLY A 265 10.09 11.40 -18.83
CA GLY A 265 10.17 10.99 -20.21
C GLY A 265 10.99 9.73 -20.45
N ARG A 266 10.75 9.15 -21.61
CA ARG A 266 11.40 7.94 -22.09
C ARG A 266 12.37 8.35 -23.20
N LEU A 267 13.52 7.68 -23.31
CA LEU A 267 14.47 8.03 -24.35
C LEU A 267 15.53 6.96 -24.62
N ALA A 268 16.30 7.20 -25.68
CA ALA A 268 17.39 6.33 -26.09
C ALA A 268 18.49 7.28 -26.57
N ALA A 269 19.74 6.91 -26.33
CA ALA A 269 20.85 7.76 -26.74
C ALA A 269 22.05 6.93 -27.21
N VAL A 270 22.68 7.39 -28.30
CA VAL A 270 23.85 6.70 -28.86
C VAL A 270 24.92 7.73 -29.23
N LYS A 271 26.17 7.30 -29.27
CA LYS A 271 27.29 8.16 -29.62
C LYS A 271 27.00 9.03 -30.84
N ALA A 272 27.26 10.32 -30.72
CA ALA A 272 26.99 11.26 -31.80
C ALA A 272 27.71 10.93 -33.11
N ASP A 273 28.83 10.22 -33.02
CA ASP A 273 29.63 9.87 -34.19
C ASP A 273 29.33 8.48 -34.78
N ALA A 274 28.31 7.82 -34.25
CA ALA A 274 27.95 6.48 -34.70
C ALA A 274 27.53 6.36 -36.17
N ALA A 275 27.56 5.13 -36.67
CA ALA A 275 27.17 4.86 -38.05
C ALA A 275 25.67 5.12 -38.21
N PRO A 276 25.19 5.24 -39.46
CA PRO A 276 23.77 5.48 -39.71
C PRO A 276 22.84 4.67 -38.81
N GLN A 277 21.99 5.38 -38.08
CA GLN A 277 21.04 4.74 -37.18
C GLN A 277 19.87 5.65 -36.83
N VAL A 278 18.66 5.12 -36.91
CA VAL A 278 17.46 5.89 -36.59
C VAL A 278 17.03 5.60 -35.15
N LEU A 279 16.82 6.66 -34.38
CA LEU A 279 16.39 6.53 -33.00
C LEU A 279 14.89 6.63 -32.94
N ALA A 280 14.35 7.61 -33.66
CA ALA A 280 12.91 7.85 -33.70
C ALA A 280 12.57 8.88 -34.75
N VAL A 281 11.28 8.94 -35.09
CA VAL A 281 10.77 9.89 -36.06
C VAL A 281 9.48 10.48 -35.49
N ALA A 282 9.41 11.80 -35.42
CA ALA A 282 8.24 12.48 -34.88
C ALA A 282 7.77 13.62 -35.79
N PRO A 283 6.49 13.59 -36.19
CA PRO A 283 5.50 12.58 -35.84
C PRO A 283 5.82 11.29 -36.58
N ALA A 284 5.11 10.22 -36.24
CA ALA A 284 5.33 8.95 -36.91
C ALA A 284 4.13 8.63 -37.78
N ARG A 285 3.24 9.61 -37.92
CA ARG A 285 2.05 9.43 -38.74
C ARG A 285 1.91 10.58 -39.72
N LEU A 286 1.25 10.32 -40.85
CA LEU A 286 1.03 11.32 -41.89
C LEU A 286 -0.44 11.42 -42.24
N LYS A 287 -0.99 12.62 -42.14
CA LYS A 287 -2.40 12.85 -42.47
C LYS A 287 -2.50 12.95 -43.99
N ILE A 288 -2.94 11.86 -44.61
CA ILE A 288 -3.09 11.77 -46.06
C ILE A 288 -3.48 13.09 -46.72
N GLY A 289 -2.80 13.41 -47.82
CA GLY A 289 -3.11 14.62 -48.56
C GLY A 289 -2.56 15.88 -47.93
N GLU A 290 -1.92 15.77 -46.78
CA GLU A 290 -1.37 16.95 -46.14
C GLU A 290 0.11 16.86 -45.86
N GLU A 291 0.84 17.82 -46.40
CA GLU A 291 2.28 17.92 -46.26
C GLU A 291 2.65 18.17 -44.80
N THR A 292 3.56 17.36 -44.27
CA THR A 292 3.96 17.50 -42.88
C THR A 292 5.46 17.45 -42.66
N GLN A 293 5.90 18.13 -41.61
CA GLN A 293 7.31 18.17 -41.25
C GLN A 293 7.57 16.97 -40.36
N LEU A 294 8.68 16.27 -40.58
CA LEU A 294 9.02 15.10 -39.78
C LEU A 294 10.46 15.22 -39.30
N ARG A 295 10.71 14.86 -38.05
CA ARG A 295 12.05 14.91 -37.51
C ARG A 295 12.57 13.51 -37.23
N VAL A 296 13.54 13.08 -38.03
CA VAL A 296 14.12 11.76 -37.85
C VAL A 296 15.40 11.91 -37.03
N ALA A 297 15.33 11.53 -35.76
CA ALA A 297 16.48 11.62 -34.87
C ALA A 297 17.38 10.39 -35.01
N GLY A 298 18.69 10.63 -34.98
CA GLY A 298 19.61 9.52 -35.12
C GLY A 298 21.01 9.99 -35.48
N THR A 299 21.85 9.04 -35.90
CA THR A 299 23.22 9.35 -36.25
C THR A 299 23.53 9.11 -37.72
N GLY A 300 24.39 9.96 -38.28
CA GLY A 300 24.78 9.86 -39.67
C GLY A 300 23.70 9.50 -40.67
N LEU A 301 22.54 10.13 -40.54
CA LEU A 301 21.43 9.87 -41.44
C LEU A 301 21.61 10.57 -42.80
N GLY A 302 22.32 11.71 -42.79
CA GLY A 302 22.54 12.43 -44.02
C GLY A 302 21.24 12.80 -44.69
N SER A 303 21.25 12.89 -46.02
CA SER A 303 20.07 13.27 -46.78
C SER A 303 19.69 12.34 -47.93
N ASP A 304 20.15 11.10 -47.91
CA ASP A 304 19.80 10.17 -48.97
C ASP A 304 18.43 9.58 -48.68
N LEU A 305 17.42 10.14 -49.32
CA LEU A 305 16.04 9.72 -49.13
C LEU A 305 15.46 8.97 -50.32
N THR A 306 14.94 7.77 -50.06
CA THR A 306 14.30 6.96 -51.09
C THR A 306 12.86 6.67 -50.63
N LEU A 307 11.93 7.48 -51.11
CA LEU A 307 10.51 7.37 -50.76
C LEU A 307 9.73 6.32 -51.54
N PRO A 308 8.74 5.69 -50.89
CA PRO A 308 7.90 4.67 -51.53
C PRO A 308 6.80 5.31 -52.38
N GLU A 309 6.06 4.48 -53.10
CA GLU A 309 4.99 4.94 -53.97
C GLU A 309 4.09 6.08 -53.49
N GLY A 310 3.28 5.83 -52.46
CA GLY A 310 2.36 6.84 -51.97
C GLY A 310 2.86 8.08 -51.24
N VAL A 311 4.16 8.26 -51.08
CA VAL A 311 4.63 9.44 -50.38
C VAL A 311 5.67 10.24 -51.16
N ALA A 312 5.45 11.54 -51.23
CA ALA A 312 6.36 12.43 -51.94
C ALA A 312 6.81 13.53 -50.99
N GLY A 313 8.02 14.05 -51.22
CA GLY A 313 8.55 15.10 -50.37
C GLY A 313 10.07 15.14 -50.42
N SER A 314 10.68 16.02 -49.63
CA SER A 314 12.13 16.14 -49.63
C SER A 314 12.77 16.29 -48.24
N VAL A 315 14.07 16.56 -48.25
CA VAL A 315 14.87 16.75 -47.05
C VAL A 315 15.12 18.24 -46.88
N GLU A 316 14.73 18.80 -45.74
CA GLU A 316 14.93 20.22 -45.49
C GLU A 316 16.21 20.56 -44.74
N SER A 317 16.70 19.64 -43.93
CA SER A 317 17.93 19.87 -43.19
C SER A 317 18.46 18.55 -42.65
N ALA A 318 19.73 18.53 -42.30
CA ALA A 318 20.37 17.34 -41.78
C ALA A 318 21.57 17.73 -40.92
N GLY A 319 21.99 16.78 -40.09
CA GLY A 319 23.12 17.01 -39.19
C GLY A 319 22.72 17.20 -37.75
N ASN A 320 23.69 17.04 -36.85
CA ASN A 320 23.46 17.20 -35.42
C ASN A 320 22.38 16.30 -34.84
N GLY A 321 22.43 15.03 -35.23
CA GLY A 321 21.47 14.06 -34.73
C GLY A 321 20.07 14.09 -35.28
N VAL A 322 19.75 15.04 -36.15
CA VAL A 322 18.39 15.10 -36.70
C VAL A 322 18.35 15.46 -38.16
N THR A 323 17.51 14.75 -38.91
CA THR A 323 17.31 15.05 -40.31
C THR A 323 15.85 15.39 -40.47
N VAL A 324 15.57 16.65 -40.83
CA VAL A 324 14.20 17.10 -41.00
C VAL A 324 13.70 16.84 -42.41
N LEU A 325 12.56 16.15 -42.49
CA LEU A 325 11.95 15.84 -43.76
C LEU A 325 10.67 16.66 -43.95
N LYS A 326 10.20 16.70 -45.19
CA LYS A 326 8.98 17.42 -45.54
C LYS A 326 8.26 16.53 -46.53
N LEU A 327 7.41 15.64 -46.02
CA LEU A 327 6.69 14.70 -46.85
C LEU A 327 5.19 14.96 -46.95
N THR A 328 4.53 14.09 -47.69
CA THR A 328 3.10 14.13 -47.91
C THR A 328 2.66 12.82 -48.57
N ALA A 329 1.79 12.09 -47.88
CA ALA A 329 1.30 10.81 -48.40
C ALA A 329 0.01 11.05 -49.15
N THR A 330 -0.20 10.31 -50.24
CA THR A 330 -1.41 10.46 -51.03
C THR A 330 -1.99 9.09 -51.38
N GLY A 331 -1.47 8.05 -50.75
CA GLY A 331 -1.99 6.72 -51.00
C GLY A 331 -3.20 6.45 -50.14
N THR A 332 -3.33 5.21 -49.68
CA THR A 332 -4.45 4.83 -48.83
C THR A 332 -3.94 4.67 -47.40
N PRO A 333 -4.83 4.82 -46.41
CA PRO A 333 -4.43 4.69 -45.00
C PRO A 333 -3.66 3.39 -44.73
N GLY A 334 -2.58 3.49 -43.96
CA GLY A 334 -1.79 2.31 -43.65
C GLY A 334 -0.32 2.58 -43.37
N PRO A 335 0.44 1.54 -42.96
CA PRO A 335 1.87 1.60 -42.64
C PRO A 335 2.74 1.89 -43.87
N VAL A 336 3.59 2.90 -43.77
CA VAL A 336 4.47 3.26 -44.88
C VAL A 336 5.92 3.28 -44.41
N SER A 337 6.83 2.89 -45.29
CA SER A 337 8.25 2.87 -44.94
C SER A 337 9.10 3.54 -46.01
N LEU A 338 10.22 4.12 -45.58
CA LEU A 338 11.14 4.78 -46.48
C LEU A 338 12.55 4.55 -45.97
N GLU A 339 13.54 5.03 -46.72
CA GLU A 339 14.93 4.88 -46.31
C GLU A 339 15.61 6.23 -46.25
N LEU A 340 16.53 6.36 -45.29
CA LEU A 340 17.28 7.58 -45.11
C LEU A 340 18.65 7.10 -44.65
N GLY A 341 19.68 7.44 -45.42
CA GLY A 341 21.01 7.00 -45.06
C GLY A 341 21.02 5.49 -44.97
N GLY A 342 20.20 4.85 -45.81
CA GLY A 342 20.13 3.41 -45.83
C GLY A 342 19.38 2.81 -44.65
N GLN A 343 18.87 3.67 -43.77
CA GLN A 343 18.15 3.23 -42.59
C GLN A 343 16.64 3.30 -42.80
N LYS A 344 15.93 2.28 -42.33
CA LYS A 344 14.49 2.24 -42.48
C LYS A 344 13.78 3.13 -41.49
N VAL A 345 12.73 3.80 -41.97
CA VAL A 345 11.92 4.69 -41.15
C VAL A 345 10.47 4.29 -41.37
N ASP A 346 9.78 3.95 -40.28
CA ASP A 346 8.39 3.54 -40.40
C ASP A 346 7.41 4.62 -39.98
N LEU A 347 6.38 4.81 -40.80
CA LEU A 347 5.35 5.80 -40.54
C LEU A 347 4.01 5.12 -40.74
N VAL A 348 2.94 5.89 -40.61
CA VAL A 348 1.60 5.38 -40.80
C VAL A 348 0.78 6.49 -41.43
N ALA A 349 0.15 6.19 -42.56
CA ALA A 349 -0.68 7.16 -43.26
C ALA A 349 -2.12 7.00 -42.77
N TYR A 350 -2.88 8.08 -42.78
CA TYR A 350 -4.27 8.03 -42.33
C TYR A 350 -4.94 9.36 -42.63
N ASP A 351 -6.26 9.38 -42.52
N ASP A 351 -6.25 9.39 -42.51
CA ASP A 351 -7.04 10.59 -42.74
CA ASP A 351 -7.02 10.61 -42.72
C ASP A 351 -7.79 10.92 -41.46
C ASP A 351 -7.77 10.92 -41.43
N ARG A 352 -8.20 9.87 -40.75
CA ARG A 352 -8.92 9.99 -39.48
C ARG A 352 -8.78 8.69 -38.71
N PRO A 353 -8.55 8.78 -37.39
CA PRO A 353 -8.40 7.57 -36.57
C PRO A 353 -9.73 6.85 -36.43
N ASP A 354 -9.69 5.54 -36.23
CA ASP A 354 -10.92 4.77 -36.07
C ASP A 354 -11.39 4.81 -34.61
N ARG A 355 -10.48 5.22 -33.72
CA ARG A 355 -10.80 5.31 -32.31
C ARG A 355 -9.59 5.84 -31.54
N ILE A 356 -9.85 6.35 -30.34
CA ILE A 356 -8.80 6.87 -29.49
C ILE A 356 -8.93 6.20 -28.12
N SER A 357 -7.79 5.94 -27.48
CA SER A 357 -7.79 5.32 -26.17
C SER A 357 -7.00 6.20 -25.21
N ILE A 358 -7.43 6.24 -23.96
CA ILE A 358 -6.75 7.04 -22.95
C ILE A 358 -5.67 6.20 -22.26
N VAL A 359 -4.47 6.74 -22.16
CA VAL A 359 -3.35 6.07 -21.51
C VAL A 359 -2.85 7.00 -20.41
N PRO A 360 -2.93 6.56 -19.13
CA PRO A 360 -3.44 5.27 -18.66
C PRO A 360 -4.97 5.31 -18.62
N ASP A 361 -5.61 4.15 -18.74
CA ASP A 361 -7.07 4.12 -18.71
C ASP A 361 -7.56 3.87 -17.27
N LEU A 362 -6.62 3.52 -16.41
CA LEU A 362 -6.92 3.26 -15.00
C LEU A 362 -5.69 3.73 -14.24
N THR A 363 -5.87 4.69 -13.34
CA THR A 363 -4.76 5.20 -12.56
C THR A 363 -5.21 5.96 -11.31
N ILE A 364 -4.26 6.60 -10.64
CA ILE A 364 -4.55 7.34 -9.43
C ILE A 364 -3.87 8.70 -9.40
N ALA A 365 -4.30 9.52 -8.45
CA ALA A 365 -3.76 10.84 -8.17
C ALA A 365 -3.89 10.88 -6.66
N ARG A 366 -3.08 11.68 -5.98
CA ARG A 366 -3.18 11.72 -4.52
C ARG A 366 -3.21 13.15 -4.00
N ILE A 367 -4.10 13.42 -3.04
CA ILE A 367 -4.23 14.73 -2.43
C ILE A 367 -2.92 15.05 -1.71
N GLY A 368 -2.62 16.33 -1.55
CA GLY A 368 -1.38 16.71 -0.89
C GLY A 368 -1.33 18.18 -0.49
N GLY A 369 -0.12 18.68 -0.22
CA GLY A 369 0.02 20.08 0.17
C GLY A 369 -0.87 20.45 1.33
N ASN A 370 -1.46 21.65 1.27
CA ASN A 370 -2.35 22.17 2.30
C ASN A 370 -1.68 22.30 3.66
N GLY A 371 -0.40 22.70 3.66
CA GLY A 371 0.33 22.85 4.90
C GLY A 371 1.00 21.58 5.38
N GLY A 372 0.81 20.49 4.63
CA GLY A 372 1.41 19.22 5.00
C GLY A 372 2.77 19.00 4.35
N PRO A 373 3.53 18.00 4.80
CA PRO A 373 4.86 17.73 4.25
C PRO A 373 4.85 16.82 3.02
N ILE A 374 3.66 16.42 2.58
CA ILE A 374 3.55 15.53 1.43
C ILE A 374 2.82 16.24 0.29
N PRO A 375 3.53 16.48 -0.83
CA PRO A 375 2.93 17.15 -1.99
C PRO A 375 1.98 16.29 -2.80
N LYS A 376 1.07 16.93 -3.50
CA LYS A 376 0.10 16.22 -4.33
C LYS A 376 0.77 15.33 -5.36
N VAL A 377 0.07 14.29 -5.77
CA VAL A 377 0.59 13.38 -6.80
C VAL A 377 -0.37 13.52 -7.96
N PRO A 378 0.11 14.08 -9.08
CA PRO A 378 -0.71 14.28 -10.28
C PRO A 378 -0.85 13.01 -11.09
N ALA A 379 -1.62 13.11 -12.17
CA ALA A 379 -1.82 11.99 -13.07
C ALA A 379 -1.78 12.58 -14.47
N GLN A 380 -0.93 12.03 -15.33
CA GLN A 380 -0.84 12.52 -16.70
C GLN A 380 -1.54 11.55 -17.64
N PHE A 381 -2.43 12.08 -18.48
CA PHE A 381 -3.15 11.25 -19.43
C PHE A 381 -2.80 11.71 -20.83
N GLU A 382 -3.06 10.85 -21.80
CA GLU A 382 -2.78 11.17 -23.20
C GLU A 382 -3.76 10.40 -24.07
N ALA A 383 -4.25 11.05 -25.11
CA ALA A 383 -5.19 10.42 -26.03
C ALA A 383 -4.42 9.82 -27.18
N MET A 384 -4.49 8.50 -27.31
CA MET A 384 -3.80 7.80 -28.39
C MET A 384 -4.78 7.47 -29.50
N GLY A 385 -4.36 7.65 -30.75
CA GLY A 385 -5.21 7.36 -31.89
C GLY A 385 -4.91 5.99 -32.49
N TRP A 386 -5.89 5.38 -33.15
CA TRP A 386 -5.69 4.07 -33.75
C TRP A 386 -6.41 3.84 -35.07
N LEU A 387 -6.06 2.74 -35.71
CA LEU A 387 -6.68 2.31 -36.96
C LEU A 387 -7.08 0.86 -36.71
N ASN A 388 -8.30 0.51 -37.06
CA ASN A 388 -8.80 -0.84 -36.84
C ASN A 388 -7.92 -1.93 -37.42
N GLY A 389 -6.91 -1.55 -38.19
CA GLY A 389 -6.03 -2.56 -38.74
C GLY A 389 -6.62 -3.36 -39.89
N PRO A 390 -6.01 -4.52 -40.21
CA PRO A 390 -6.44 -5.42 -41.29
C PRO A 390 -7.70 -6.28 -41.08
N ASP A 391 -7.94 -6.70 -39.84
CA ASP A 391 -9.07 -7.57 -39.52
C ASP A 391 -10.50 -7.02 -39.44
N GLY A 392 -10.66 -5.70 -39.56
CA GLY A 392 -12.00 -5.12 -39.39
C GLY A 392 -11.75 -4.44 -38.07
N GLN A 393 -11.60 -5.28 -37.05
CA GLN A 393 -11.21 -4.93 -35.69
C GLN A 393 -11.84 -4.15 -34.52
N PRO A 394 -12.06 -2.84 -34.67
CA PRO A 394 -12.62 -2.05 -33.57
C PRO A 394 -11.99 -2.24 -32.19
N GLY A 395 -10.86 -2.96 -32.11
CA GLY A 395 -10.22 -3.13 -30.81
C GLY A 395 -9.60 -4.46 -30.40
N THR A 396 -8.81 -5.09 -31.26
CA THR A 396 -8.18 -6.36 -30.87
C THR A 396 -6.65 -6.22 -30.97
N GLY A 397 -5.92 -7.15 -30.34
CA GLY A 397 -4.46 -7.09 -30.35
C GLY A 397 -3.75 -6.88 -31.69
N ASP A 398 -4.54 -6.83 -32.76
CA ASP A 398 -4.04 -6.66 -34.13
C ASP A 398 -3.57 -5.22 -34.43
N ASP A 399 -4.53 -4.29 -34.44
CA ASP A 399 -4.37 -2.84 -34.70
C ASP A 399 -3.04 -2.17 -35.03
N ILE A 400 -3.15 -0.92 -35.50
CA ILE A 400 -2.01 -0.07 -35.86
C ILE A 400 -2.12 1.21 -35.03
N ALA A 401 -1.03 1.58 -34.37
CA ALA A 401 -1.01 2.79 -33.54
C ALA A 401 -0.76 4.05 -34.35
N LEU A 402 -1.40 5.15 -33.98
CA LEU A 402 -1.20 6.43 -34.68
C LEU A 402 -0.43 7.43 -33.83
N GLY A 403 -0.35 7.17 -32.53
CA GLY A 403 0.36 8.07 -31.65
C GLY A 403 -0.57 9.01 -30.90
N ALA A 404 0.01 9.86 -30.06
CA ALA A 404 -0.76 10.80 -29.26
C ALA A 404 -1.29 11.98 -30.06
N PHE A 405 -2.58 12.28 -29.87
CA PHE A 405 -3.22 13.40 -30.56
C PHE A 405 -3.62 14.46 -29.55
N PRO A 406 -3.62 15.73 -29.95
CA PRO A 406 -4.01 16.80 -29.02
C PRO A 406 -5.50 16.61 -28.76
N ALA A 407 -5.96 16.90 -27.56
CA ALA A 407 -7.37 16.74 -27.23
C ALA A 407 -7.87 17.73 -26.20
N SER A 408 -9.19 17.68 -25.97
CA SER A 408 -9.83 18.53 -24.98
C SER A 408 -10.10 17.59 -23.82
N TRP A 409 -9.70 18.02 -22.62
CA TRP A 409 -9.87 17.16 -21.45
C TRP A 409 -10.90 17.63 -20.42
N ALA A 410 -11.58 16.65 -19.84
CA ALA A 410 -12.59 16.92 -18.83
C ALA A 410 -12.70 15.75 -17.86
N THR A 411 -13.17 16.07 -16.65
CA THR A 411 -13.35 15.06 -15.62
C THR A 411 -14.84 15.06 -15.27
N ASP A 412 -15.31 13.95 -14.73
CA ASP A 412 -16.70 13.84 -14.33
C ASP A 412 -16.79 12.74 -13.28
N ASN A 413 -17.94 12.63 -12.63
CA ASN A 413 -18.13 11.61 -11.62
C ASN A 413 -18.18 10.27 -12.32
N PHE A 414 -17.54 9.27 -11.72
CA PHE A 414 -17.52 7.94 -12.31
C PHE A 414 -18.89 7.28 -12.32
N ASP A 415 -19.66 7.47 -11.24
CA ASP A 415 -20.99 6.89 -11.15
C ASP A 415 -21.97 7.74 -10.34
N GLU A 416 -23.20 7.25 -10.20
CA GLU A 416 -24.24 7.96 -9.45
C GLU A 416 -23.79 8.32 -8.04
N GLU A 417 -23.29 7.32 -7.33
CA GLU A 417 -22.82 7.53 -5.95
C GLU A 417 -21.80 8.65 -5.90
N ALA A 418 -20.90 8.68 -6.87
CA ALA A 418 -19.87 9.72 -6.93
C ALA A 418 -20.50 11.09 -7.18
N GLU A 419 -21.54 11.13 -8.02
CA GLU A 419 -22.24 12.38 -8.31
C GLU A 419 -22.87 12.94 -7.05
N LYS A 420 -23.56 12.07 -6.31
CA LYS A 420 -24.21 12.48 -5.08
C LYS A 420 -23.20 13.16 -4.16
N MET A 421 -21.99 12.60 -4.09
CA MET A 421 -20.93 13.17 -3.26
C MET A 421 -20.30 14.40 -3.91
N GLN A 422 -20.55 14.59 -5.20
CA GLN A 422 -19.99 15.72 -5.94
C GLN A 422 -18.47 15.59 -6.02
N ASP A 423 -18.00 14.38 -6.27
CA ASP A 423 -16.58 14.08 -6.39
C ASP A 423 -15.85 14.96 -7.41
N ALA A 424 -16.40 15.03 -8.62
CA ALA A 424 -15.80 15.84 -9.69
C ALA A 424 -15.63 17.30 -9.28
N LYS A 425 -16.47 17.73 -8.34
CA LYS A 425 -16.43 19.11 -7.85
C LYS A 425 -15.31 19.33 -6.84
N TYR A 426 -14.98 18.31 -6.04
CA TYR A 426 -13.94 18.46 -5.03
C TYR A 426 -12.59 17.78 -5.28
N ALA A 427 -12.60 16.72 -6.08
CA ALA A 427 -11.38 15.93 -6.35
C ALA A 427 -10.26 16.61 -7.14
N GLY A 428 -10.56 17.71 -7.81
CA GLY A 428 -9.51 18.39 -8.58
C GLY A 428 -9.90 18.67 -10.01
N SER A 429 -8.91 19.07 -10.82
CA SER A 429 -9.17 19.39 -12.22
C SER A 429 -8.07 18.97 -13.18
N ILE A 430 -8.45 18.76 -14.43
CA ILE A 430 -7.53 18.35 -15.49
C ILE A 430 -7.38 19.50 -16.48
N ASP A 431 -6.15 19.85 -16.85
CA ASP A 431 -5.94 20.93 -17.80
C ASP A 431 -5.99 20.45 -19.24
N ASP A 432 -5.77 21.37 -20.18
CA ASP A 432 -5.84 21.05 -21.59
C ASP A 432 -4.75 20.13 -22.14
N THR A 433 -3.70 19.88 -21.36
CA THR A 433 -2.64 18.98 -21.82
C THR A 433 -2.90 17.61 -21.22
N GLY A 434 -4.05 17.44 -20.59
CA GLY A 434 -4.40 16.18 -19.98
C GLY A 434 -3.71 15.92 -18.65
N LEU A 435 -3.23 16.97 -17.98
CA LEU A 435 -2.57 16.83 -16.68
C LEU A 435 -3.56 17.08 -15.55
N PHE A 436 -3.81 16.04 -14.76
CA PHE A 436 -4.74 16.14 -13.64
C PHE A 436 -4.04 16.54 -12.35
N THR A 437 -4.52 17.61 -11.73
CA THR A 437 -3.97 18.08 -10.47
C THR A 437 -5.02 17.83 -9.39
N PRO A 438 -4.66 17.05 -8.34
CA PRO A 438 -5.58 16.74 -7.24
C PRO A 438 -5.82 17.90 -6.29
N ALA A 439 -6.73 17.71 -5.34
CA ALA A 439 -7.08 18.74 -4.38
C ALA A 439 -6.21 18.69 -3.13
N GLU A 440 -6.46 19.63 -2.23
CA GLU A 440 -5.72 19.74 -0.99
C GLU A 440 -6.02 18.55 -0.08
N ALA A 441 -5.00 18.11 0.66
CA ALA A 441 -5.17 16.97 1.56
C ALA A 441 -5.82 17.45 2.85
N GLY A 442 -6.10 16.52 3.75
CA GLY A 442 -6.73 16.87 5.01
C GLY A 442 -8.24 16.77 4.92
N PRO A 443 -8.94 16.75 6.06
CA PRO A 443 -10.40 16.64 6.02
C PRO A 443 -11.01 17.93 5.47
N ASN A 444 -12.07 17.79 4.66
CA ASN A 444 -12.74 18.96 4.13
C ASN A 444 -14.08 19.06 4.86
N PRO A 445 -14.18 19.96 5.85
CA PRO A 445 -15.41 20.14 6.62
C PRO A 445 -16.64 20.48 5.80
N GLU A 446 -16.43 20.84 4.53
CA GLU A 446 -17.52 21.21 3.64
C GLU A 446 -18.20 19.99 3.01
N ARG A 447 -17.59 18.82 3.17
CA ARG A 447 -18.14 17.59 2.62
C ARG A 447 -18.74 16.75 3.74
N PRO A 448 -19.65 15.83 3.41
CA PRO A 448 -20.24 15.00 4.47
C PRO A 448 -19.17 14.23 5.23
N MET A 449 -19.37 14.12 6.55
CA MET A 449 -18.43 13.43 7.42
C MET A 449 -17.09 14.14 7.36
N GLN A 450 -17.08 15.34 6.77
CA GLN A 450 -15.86 16.13 6.62
C GLN A 450 -14.80 15.33 5.89
N THR A 451 -15.23 14.47 4.97
CA THR A 451 -14.29 13.62 4.26
C THR A 451 -13.31 14.36 3.37
N ASN A 452 -12.26 13.65 2.97
CA ASN A 452 -11.20 14.20 2.14
C ASN A 452 -11.69 14.55 0.75
N ASN A 453 -10.90 15.36 0.07
CA ASN A 453 -11.17 15.81 -1.28
C ASN A 453 -10.80 14.71 -2.26
N ALA A 454 -11.24 13.50 -1.96
CA ALA A 454 -10.97 12.36 -2.82
C ALA A 454 -12.20 12.15 -3.69
N GLY A 455 -12.09 11.29 -4.70
CA GLY A 455 -13.23 11.05 -5.55
C GLY A 455 -13.03 9.94 -6.55
N ASN A 456 -14.14 9.35 -6.99
CA ASN A 456 -14.13 8.29 -7.98
C ASN A 456 -14.47 9.05 -9.26
N LEU A 457 -13.46 9.31 -10.08
CA LEU A 457 -13.67 10.08 -11.29
C LEU A 457 -13.52 9.37 -12.62
N LYS A 458 -14.00 10.05 -13.65
CA LYS A 458 -13.93 9.56 -15.01
C LYS A 458 -13.20 10.65 -15.80
N VAL A 459 -12.26 10.25 -16.65
CA VAL A 459 -11.53 11.22 -17.47
C VAL A 459 -11.96 11.00 -18.91
N ILE A 460 -12.46 12.05 -19.55
CA ILE A 460 -12.90 11.93 -20.93
C ILE A 460 -12.06 12.81 -21.85
N ALA A 461 -11.57 12.23 -22.93
CA ALA A 461 -10.77 12.98 -23.86
C ALA A 461 -11.50 13.01 -25.19
N THR A 462 -11.42 14.16 -25.86
CA THR A 462 -12.07 14.30 -27.14
C THR A 462 -11.10 14.96 -28.12
N VAL A 463 -10.61 14.17 -29.06
CA VAL A 463 -9.68 14.66 -30.06
C VAL A 463 -10.45 15.17 -31.27
N ASP A 464 -10.10 16.36 -31.73
CA ASP A 464 -10.78 16.96 -32.85
C ASP A 464 -10.25 16.55 -34.22
N ALA A 465 -10.41 15.28 -34.56
CA ALA A 465 -9.98 14.81 -35.86
C ALA A 465 -11.26 14.80 -36.67
N GLU A 466 -11.21 15.33 -37.89
CA GLU A 466 -12.42 15.34 -38.71
C GLU A 466 -12.81 13.92 -39.13
N GLY A 467 -14.03 13.77 -39.63
CA GLY A 467 -14.58 12.46 -39.93
C GLY A 467 -15.48 12.60 -38.72
N GLU A 468 -14.79 12.97 -37.64
CA GLU A 468 -15.32 13.36 -36.33
C GLU A 468 -15.87 12.59 -35.12
N PRO A 469 -16.61 11.49 -35.29
CA PRO A 469 -17.01 10.96 -33.96
C PRO A 469 -15.89 10.33 -33.11
N LEU A 470 -15.09 11.15 -32.41
CA LEU A 470 -13.98 10.64 -31.59
C LEU A 470 -13.84 11.07 -30.12
N SER A 471 -13.98 10.10 -29.22
CA SER A 471 -13.89 10.36 -27.78
C SER A 471 -13.52 9.07 -27.03
N ALA A 472 -12.99 9.23 -25.81
CA ALA A 472 -12.60 8.09 -24.98
C ALA A 472 -12.59 8.46 -23.49
N GLU A 473 -12.64 7.46 -22.63
CA GLU A 473 -12.65 7.72 -21.19
C GLU A 473 -11.61 6.91 -20.42
N ALA A 474 -11.27 7.41 -19.24
CA ALA A 474 -10.31 6.75 -18.36
C ALA A 474 -10.89 6.77 -16.95
N HIS A 475 -10.46 5.82 -16.14
CA HIS A 475 -10.94 5.70 -14.77
C HIS A 475 -9.87 6.28 -13.84
N LEU A 476 -10.23 7.35 -13.12
CA LEU A 476 -9.28 7.98 -12.20
C LEU A 476 -9.74 8.01 -10.75
N TYR A 477 -8.90 7.45 -9.88
CA TYR A 477 -9.18 7.44 -8.46
C TYR A 477 -8.36 8.54 -7.83
N ALA A 478 -9.02 9.64 -7.48
CA ALA A 478 -8.34 10.73 -6.81
C ALA A 478 -8.37 10.23 -5.37
N THR A 479 -7.26 9.68 -4.91
CA THR A 479 -7.25 9.10 -3.57
C THR A 479 -6.35 9.81 -2.56
N VAL A 480 -6.15 9.18 -1.41
CA VAL A 480 -5.38 9.74 -0.31
C VAL A 480 -3.87 9.57 -0.40
N GLN A 481 -3.15 10.20 0.53
CA GLN A 481 -1.69 10.13 0.56
C GLN A 481 -1.18 8.77 1.02
N ARG A 482 0.09 8.50 0.72
CA ARG A 482 0.77 7.29 1.14
C ARG A 482 1.88 7.86 2.00
N PHE A 483 2.05 7.33 3.21
CA PHE A 483 3.08 7.81 4.12
C PHE A 483 4.35 6.97 4.04
N VAL A 484 4.25 5.82 3.37
CA VAL A 484 5.42 4.96 3.17
C VAL A 484 5.65 4.88 1.66
N ASP A 485 6.90 5.07 1.26
CA ASP A 485 7.28 5.02 -0.14
C ASP A 485 8.72 4.51 -0.13
N ALA A 486 9.21 4.07 -1.28
CA ALA A 486 10.56 3.55 -1.37
C ALA A 486 11.04 3.50 -2.82
N PRO A 487 12.38 3.35 -3.02
CA PRO A 487 13.01 3.28 -4.35
C PRO A 487 12.27 2.31 -5.25
N ILE A 488 11.84 1.20 -4.67
CA ILE A 488 11.09 0.19 -5.40
C ILE A 488 9.79 -0.04 -4.63
N ARG A 489 8.66 0.30 -5.24
CA ARG A 489 7.38 0.12 -4.59
C ARG A 489 6.96 -1.35 -4.63
N ARG B 1 -23.58 0.92 38.17
CA ARG B 1 -23.24 2.27 37.62
C ARG B 1 -22.19 2.05 36.55
N ASP B 2 -22.56 2.37 35.31
CA ASP B 2 -21.70 2.19 34.15
C ASP B 2 -20.58 3.19 33.91
N TYR B 3 -19.41 2.64 33.58
CA TYR B 3 -18.24 3.44 33.27
C TYR B 3 -17.59 2.86 32.03
N ILE B 4 -16.82 3.69 31.33
CA ILE B 4 -16.14 3.23 30.14
C ILE B 4 -14.63 3.42 30.27
N LEU B 5 -13.89 2.40 29.88
CA LEU B 5 -12.43 2.44 29.93
C LEU B 5 -12.02 2.53 28.46
N ALA B 6 -11.50 3.69 28.07
CA ALA B 6 -11.08 3.89 26.70
C ALA B 6 -9.62 4.32 26.61
N PRO B 7 -8.82 3.62 25.79
CA PRO B 7 -7.42 4.00 25.67
C PRO B 7 -7.31 5.25 24.78
N ALA B 8 -6.28 6.05 25.02
CA ALA B 8 -6.05 7.27 24.26
C ALA B 8 -4.54 7.41 24.06
N ARG B 9 -4.10 7.53 22.81
CA ARG B 9 -2.67 7.64 22.56
C ARG B 9 -2.05 8.88 23.17
N PRO B 10 -0.75 8.79 23.47
CA PRO B 10 0.01 7.56 23.24
C PRO B 10 0.10 6.63 24.43
N ASP B 11 -0.21 7.14 25.61
CA ASP B 11 -0.06 6.35 26.84
C ASP B 11 -1.18 6.48 27.85
N LYS B 12 -2.42 6.65 27.39
CA LYS B 12 -3.49 6.81 28.36
C LYS B 12 -4.66 5.85 28.33
N LEU B 13 -5.34 5.82 29.47
CA LEU B 13 -6.54 5.02 29.66
C LEU B 13 -7.47 6.01 30.34
N VAL B 14 -8.58 6.31 29.68
CA VAL B 14 -9.52 7.26 30.21
C VAL B 14 -10.78 6.55 30.70
N VAL B 15 -11.16 6.81 31.94
CA VAL B 15 -12.37 6.24 32.52
C VAL B 15 -13.46 7.29 32.32
N ILE B 16 -14.56 6.88 31.69
CA ILE B 16 -15.65 7.80 31.47
C ILE B 16 -16.84 7.45 32.33
N ASP B 17 -17.42 8.47 32.97
CA ASP B 17 -18.59 8.29 33.80
C ASP B 17 -19.74 8.47 32.82
N THR B 18 -20.31 7.36 32.35
CA THR B 18 -21.38 7.42 31.36
C THR B 18 -22.60 8.20 31.83
N GLU B 19 -22.88 8.15 33.13
CA GLU B 19 -24.03 8.84 33.67
C GLU B 19 -23.89 10.35 33.50
N LYS B 20 -22.75 10.90 33.89
CA LYS B 20 -22.54 12.34 33.74
C LYS B 20 -21.91 12.71 32.41
N MET B 21 -21.76 11.72 31.52
CA MET B 21 -21.20 11.96 30.20
C MET B 21 -19.95 12.83 30.30
N ALA B 22 -19.06 12.48 31.21
CA ALA B 22 -17.84 13.24 31.41
C ALA B 22 -16.68 12.33 31.78
N VAL B 23 -15.45 12.81 31.56
CA VAL B 23 -14.26 12.04 31.90
C VAL B 23 -14.16 11.93 33.42
N ASP B 24 -13.88 10.74 33.92
CA ASP B 24 -13.78 10.51 35.37
C ASP B 24 -12.33 10.57 35.84
N LYS B 25 -11.44 9.88 35.12
CA LYS B 25 -10.04 9.85 35.51
C LYS B 25 -9.15 9.52 34.31
N VAL B 26 -7.98 10.13 34.26
CA VAL B 26 -7.04 9.87 33.18
C VAL B 26 -5.82 9.19 33.78
N ILE B 27 -5.57 7.95 33.34
CA ILE B 27 -4.42 7.19 33.82
C ILE B 27 -3.31 7.23 32.76
N THR B 28 -2.14 7.71 33.18
CA THR B 28 -0.98 7.80 32.29
C THR B 28 -0.01 6.66 32.59
N ILE B 29 0.46 6.00 31.54
CA ILE B 29 1.37 4.86 31.71
C ILE B 29 2.74 5.10 31.07
N ALA B 30 3.78 4.64 31.75
CA ALA B 30 5.16 4.77 31.28
C ALA B 30 5.50 3.68 30.26
N ASP B 31 6.30 4.06 29.26
CA ASP B 31 6.73 3.15 28.21
C ASP B 31 5.53 2.42 27.64
N ALA B 32 4.54 3.20 27.23
CA ALA B 32 3.29 2.68 26.71
C ALA B 32 3.04 2.94 25.23
N GLY B 33 3.75 3.91 24.65
CA GLY B 33 3.54 4.24 23.25
C GLY B 33 3.65 3.04 22.33
N PRO B 34 3.10 3.10 21.11
CA PRO B 34 2.38 4.24 20.55
C PRO B 34 0.92 4.36 21.02
N THR B 35 0.43 3.33 21.71
CA THR B 35 -0.94 3.34 22.23
C THR B 35 -1.31 2.05 22.96
N PRO B 36 -2.10 2.18 24.05
CA PRO B 36 -2.46 0.91 24.70
C PRO B 36 -3.43 0.22 23.72
N MET B 37 -3.54 -1.11 23.79
CA MET B 37 -4.39 -1.86 22.86
C MET B 37 -5.61 -2.55 23.47
N VAL B 38 -5.35 -3.54 24.32
CA VAL B 38 -6.44 -4.29 24.94
C VAL B 38 -6.54 -4.08 26.44
N PRO B 39 -7.50 -3.25 26.88
CA PRO B 39 -7.69 -2.99 28.31
C PRO B 39 -8.68 -4.02 28.88
N MET B 40 -8.58 -4.30 30.17
CA MET B 40 -9.47 -5.25 30.85
C MET B 40 -9.81 -4.72 32.24
N VAL B 41 -11.05 -4.88 32.66
CA VAL B 41 -11.44 -4.41 33.98
C VAL B 41 -11.79 -5.59 34.87
N ALA B 42 -11.22 -5.61 36.07
CA ALA B 42 -11.48 -6.68 37.02
C ALA B 42 -12.81 -6.47 37.72
N PRO B 43 -13.48 -7.57 38.10
CA PRO B 43 -14.75 -7.38 38.78
C PRO B 43 -14.58 -6.38 39.94
N GLY B 44 -15.50 -5.42 40.05
CA GLY B 44 -15.39 -4.42 41.10
C GLY B 44 -15.10 -3.04 40.53
N GLY B 45 -14.61 -2.99 39.30
CA GLY B 45 -14.31 -1.72 38.67
C GLY B 45 -13.23 -0.87 39.33
N ARG B 46 -12.32 -1.52 40.05
CA ARG B 46 -11.24 -0.81 40.73
C ARG B 46 -9.89 -1.04 40.09
N ILE B 47 -9.63 -2.28 39.67
CA ILE B 47 -8.36 -2.62 39.05
C ILE B 47 -8.52 -2.97 37.57
N ALA B 48 -7.53 -2.57 36.78
CA ALA B 48 -7.55 -2.85 35.35
C ALA B 48 -6.18 -3.27 34.85
N TYR B 49 -6.17 -3.93 33.70
CA TYR B 49 -4.95 -4.40 33.05
C TYR B 49 -5.03 -3.94 31.59
N ALA B 50 -3.87 -3.60 31.01
CA ALA B 50 -3.86 -3.15 29.62
C ALA B 50 -2.59 -3.52 28.89
N THR B 51 -2.73 -4.07 27.68
CA THR B 51 -1.56 -4.41 26.88
C THR B 51 -1.08 -3.09 26.32
N VAL B 52 0.22 -2.86 26.39
CA VAL B 52 0.77 -1.60 25.94
C VAL B 52 2.13 -1.84 25.25
N ASN B 53 2.85 -0.77 24.96
CA ASN B 53 4.16 -0.87 24.31
C ASN B 53 4.17 -1.80 23.08
N LYS B 54 3.49 -1.35 22.03
CA LYS B 54 3.41 -2.12 20.79
C LYS B 54 2.95 -3.56 21.04
N SER B 55 2.09 -3.71 22.04
CA SER B 55 1.52 -4.98 22.48
C SER B 55 2.53 -5.96 23.06
N GLU B 56 3.75 -5.47 23.33
CA GLU B 56 4.80 -6.31 23.88
C GLU B 56 4.78 -6.35 25.41
N SER B 57 3.99 -5.48 26.02
CA SER B 57 3.88 -5.42 27.47
C SER B 57 2.43 -5.32 27.94
N LEU B 58 2.26 -5.32 29.26
CA LEU B 58 0.95 -5.21 29.87
C LEU B 58 1.13 -4.68 31.29
N VAL B 59 0.30 -3.70 31.67
CA VAL B 59 0.39 -3.12 33.00
C VAL B 59 -0.89 -3.30 33.82
N LYS B 60 -0.69 -3.43 35.12
CA LYS B 60 -1.79 -3.56 36.07
C LYS B 60 -1.88 -2.17 36.66
N ILE B 61 -3.07 -1.58 36.68
CA ILE B 61 -3.23 -0.23 37.22
C ILE B 61 -4.45 -0.03 38.09
N ASP B 62 -4.32 0.93 39.00
CA ASP B 62 -5.38 1.29 39.93
C ASP B 62 -6.22 2.38 39.28
N LEU B 63 -7.39 2.01 38.77
CA LEU B 63 -8.29 2.95 38.10
C LEU B 63 -8.64 4.21 38.88
N VAL B 64 -8.76 4.10 40.20
CA VAL B 64 -9.12 5.25 41.03
C VAL B 64 -7.89 6.06 41.40
N THR B 65 -6.83 5.36 41.77
CA THR B 65 -5.57 5.99 42.16
C THR B 65 -4.86 6.52 40.93
N GLY B 66 -4.85 5.72 39.87
CA GLY B 66 -4.20 6.10 38.64
C GLY B 66 -2.78 5.61 38.54
N GLU B 67 -2.29 4.94 39.58
CA GLU B 67 -0.92 4.45 39.56
C GLU B 67 -0.78 3.09 38.90
N THR B 68 0.44 2.79 38.48
CA THR B 68 0.72 1.51 37.85
C THR B 68 1.17 0.57 38.96
N LEU B 69 0.39 -0.47 39.19
CA LEU B 69 0.67 -1.44 40.23
C LEU B 69 1.66 -2.52 39.81
N GLY B 70 1.93 -2.62 38.52
CA GLY B 70 2.84 -3.65 38.06
C GLY B 70 2.90 -3.70 36.56
N ARG B 71 3.84 -4.48 36.03
CA ARG B 71 4.00 -4.59 34.59
C ARG B 71 4.54 -5.96 34.21
N ILE B 72 4.30 -6.34 32.96
CA ILE B 72 4.78 -7.61 32.42
C ILE B 72 5.39 -7.31 31.06
N ASP B 73 6.65 -7.68 30.87
CA ASP B 73 7.30 -7.45 29.59
C ASP B 73 7.41 -8.82 28.94
N LEU B 74 6.68 -9.01 27.84
CA LEU B 74 6.66 -10.28 27.14
C LEU B 74 7.91 -10.55 26.31
N SER B 75 8.56 -9.49 25.86
CA SER B 75 9.75 -9.61 25.03
C SER B 75 11.04 -9.75 25.82
N THR B 76 11.97 -10.50 25.26
CA THR B 76 13.29 -10.70 25.85
C THR B 76 14.31 -10.36 24.76
N PRO B 77 15.59 -10.20 25.13
CA PRO B 77 16.60 -9.88 24.12
C PRO B 77 16.59 -10.74 22.85
N GLU B 78 16.47 -12.05 23.01
CA GLU B 78 16.49 -12.94 21.85
C GLU B 78 15.11 -13.27 21.28
N GLU B 79 14.06 -12.77 21.91
CA GLU B 79 12.72 -13.06 21.41
C GLU B 79 11.76 -11.91 21.59
N ARG B 80 11.28 -11.40 20.47
CA ARG B 80 10.30 -10.32 20.51
C ARG B 80 8.97 -11.04 20.55
N VAL B 81 8.07 -10.60 21.42
CA VAL B 81 6.76 -11.23 21.52
C VAL B 81 5.66 -10.20 21.41
N LYS B 82 4.68 -10.48 20.56
CA LYS B 82 3.55 -9.59 20.36
C LYS B 82 2.26 -10.22 20.88
N SER B 83 1.51 -9.47 21.69
CA SER B 83 0.24 -9.97 22.20
C SER B 83 -0.85 -9.64 21.18
N LEU B 84 -0.55 -8.68 20.30
CA LEU B 84 -1.48 -8.25 19.27
C LEU B 84 -2.85 -7.85 19.84
N PHE B 85 -3.89 -8.67 19.61
CA PHE B 85 -5.22 -8.34 20.12
C PHE B 85 -5.76 -9.36 21.13
N GLY B 86 -4.90 -10.28 21.56
CA GLY B 86 -5.32 -11.30 22.50
C GLY B 86 -4.83 -11.15 23.93
N ALA B 87 -5.74 -10.76 24.81
CA ALA B 87 -5.44 -10.59 26.22
C ALA B 87 -6.76 -10.59 26.96
N ALA B 88 -6.95 -11.54 27.87
CA ALA B 88 -8.21 -11.64 28.62
C ALA B 88 -8.04 -12.06 30.09
N LEU B 89 -8.73 -11.35 30.97
CA LEU B 89 -8.72 -11.61 32.40
C LEU B 89 -9.86 -12.59 32.74
N SER B 90 -9.56 -13.64 33.49
CA SER B 90 -10.57 -14.63 33.86
C SER B 90 -11.73 -14.01 34.64
N PRO B 91 -12.94 -14.58 34.52
CA PRO B 91 -14.05 -13.98 35.26
C PRO B 91 -13.80 -13.81 36.77
N ASP B 92 -13.07 -14.75 37.39
CA ASP B 92 -12.79 -14.62 38.82
C ASP B 92 -11.64 -13.64 39.09
N GLY B 93 -11.20 -12.94 38.04
CA GLY B 93 -10.11 -11.99 38.17
C GLY B 93 -8.78 -12.50 38.70
N LYS B 94 -8.55 -13.80 38.63
CA LYS B 94 -7.29 -14.37 39.13
C LYS B 94 -6.20 -14.60 38.10
N THR B 95 -6.57 -14.91 36.86
CA THR B 95 -5.56 -15.21 35.85
C THR B 95 -5.77 -14.48 34.52
N LEU B 96 -4.65 -14.05 33.94
CA LEU B 96 -4.64 -13.34 32.66
C LEU B 96 -4.22 -14.30 31.55
N ALA B 97 -4.93 -14.25 30.44
CA ALA B 97 -4.61 -15.10 29.29
C ALA B 97 -4.02 -14.15 28.24
N ILE B 98 -2.74 -14.35 27.90
CA ILE B 98 -2.08 -13.49 26.93
C ILE B 98 -1.61 -14.27 25.71
N TYR B 99 -2.05 -13.85 24.54
CA TYR B 99 -1.63 -14.51 23.31
C TYR B 99 -0.21 -14.04 23.02
N GLU B 100 0.60 -14.95 22.45
CA GLU B 100 1.97 -14.59 22.14
C GLU B 100 2.42 -15.00 20.74
N SER B 101 2.63 -14.00 19.89
CA SER B 101 3.14 -14.25 18.55
C SER B 101 4.60 -13.83 18.69
N PRO B 102 5.51 -14.81 18.75
CA PRO B 102 6.91 -14.43 18.89
C PRO B 102 7.81 -14.68 17.70
N VAL B 103 8.95 -13.98 17.70
CA VAL B 103 9.96 -14.14 16.66
C VAL B 103 11.32 -14.10 17.35
N ARG B 104 12.14 -15.11 17.08
CA ARG B 104 13.47 -15.21 17.66
C ARG B 104 14.42 -14.32 16.87
N LEU B 105 15.16 -13.48 17.59
CA LEU B 105 16.08 -12.54 16.99
C LEU B 105 17.53 -13.00 16.97
N GLU B 106 17.97 -13.55 15.85
CA GLU B 106 19.36 -14.00 15.70
C GLU B 106 20.18 -12.83 15.16
N LEU B 107 21.51 -12.93 15.25
CA LEU B 107 22.40 -11.87 14.77
C LEU B 107 22.00 -11.20 13.45
N THR B 108 21.72 -11.99 12.42
CA THR B 108 21.36 -11.40 11.14
C THR B 108 20.18 -12.04 10.41
N HIS B 109 19.21 -12.54 11.17
CA HIS B 109 18.00 -13.12 10.60
C HIS B 109 16.94 -13.33 11.68
N PHE B 110 15.72 -13.61 11.24
CA PHE B 110 14.59 -13.83 12.15
C PHE B 110 14.08 -15.25 12.04
N GLU B 111 13.62 -15.79 13.17
CA GLU B 111 13.07 -17.14 13.17
C GLU B 111 11.70 -17.11 13.84
N VAL B 112 10.67 -17.17 13.01
CA VAL B 112 9.29 -17.18 13.47
C VAL B 112 9.04 -18.37 14.41
N GLN B 113 8.50 -18.07 15.59
CA GLN B 113 8.20 -19.11 16.59
C GLN B 113 6.73 -19.46 16.63
N PRO B 114 6.40 -20.65 17.15
CA PRO B 114 4.98 -21.03 17.21
C PRO B 114 4.25 -20.08 18.15
N THR B 115 3.01 -19.75 17.81
CA THR B 115 2.20 -18.87 18.63
C THR B 115 1.90 -19.56 19.97
N ARG B 116 1.71 -18.76 21.01
CA ARG B 116 1.44 -19.34 22.31
C ARG B 116 0.37 -18.57 23.08
N VAL B 117 -0.10 -19.18 24.15
CA VAL B 117 -1.03 -18.54 25.06
C VAL B 117 -0.26 -18.64 26.37
N ALA B 118 -0.07 -17.52 27.04
CA ALA B 118 0.65 -17.53 28.31
C ALA B 118 -0.33 -17.14 29.40
N LEU B 119 -0.31 -17.87 30.51
CA LEU B 119 -1.20 -17.57 31.62
C LEU B 119 -0.39 -16.93 32.75
N TYR B 120 -0.87 -15.79 33.24
CA TYR B 120 -0.20 -15.09 34.32
C TYR B 120 -1.14 -14.99 35.52
N ASP B 121 -0.58 -15.11 36.71
CA ASP B 121 -1.38 -14.97 37.92
C ASP B 121 -1.59 -13.47 38.07
N ALA B 122 -2.84 -13.04 38.04
CA ALA B 122 -3.18 -11.62 38.13
C ALA B 122 -2.66 -10.87 39.34
N GLU B 123 -2.84 -11.44 40.53
CA GLU B 123 -2.41 -10.76 41.74
C GLU B 123 -0.92 -10.50 41.82
N THR B 124 -0.12 -11.45 41.35
CA THR B 124 1.33 -11.34 41.40
C THR B 124 1.99 -11.01 40.06
N LEU B 125 1.24 -11.11 38.97
CA LEU B 125 1.75 -10.84 37.63
C LEU B 125 2.89 -11.77 37.25
N SER B 126 2.86 -13.00 37.74
CA SER B 126 3.90 -13.97 37.43
C SER B 126 3.46 -14.93 36.33
N ARG B 127 4.39 -15.29 35.46
CA ARG B 127 4.11 -16.22 34.37
C ARG B 127 4.00 -17.62 34.99
N ARG B 128 2.82 -18.22 34.87
CA ARG B 128 2.58 -19.52 35.47
C ARG B 128 2.46 -20.67 34.50
N LYS B 129 2.20 -20.36 33.24
CA LYS B 129 2.06 -21.41 32.24
C LYS B 129 2.10 -20.81 30.85
N ALA B 130 2.55 -21.62 29.89
CA ALA B 130 2.62 -21.20 28.49
C ALA B 130 2.48 -22.47 27.67
N PHE B 131 1.56 -22.44 26.70
CA PHE B 131 1.34 -23.58 25.83
C PHE B 131 1.10 -23.15 24.40
N GLU B 132 1.47 -23.98 23.44
CA GLU B 132 1.31 -23.66 22.04
C GLU B 132 -0.17 -23.49 21.64
N ALA B 133 -0.44 -22.42 20.91
CA ALA B 133 -1.79 -22.12 20.47
C ALA B 133 -1.85 -21.95 18.96
N PRO B 134 -3.02 -22.21 18.35
CA PRO B 134 -3.09 -22.05 16.90
C PRO B 134 -2.78 -20.60 16.52
N ARG B 135 -2.27 -20.41 15.31
CA ARG B 135 -1.93 -19.08 14.84
C ARG B 135 -3.16 -18.33 14.36
N GLN B 136 -2.97 -17.04 14.05
CA GLN B 136 -4.02 -16.21 13.50
C GLN B 136 -5.23 -15.99 14.41
N ILE B 137 -5.01 -16.10 15.72
CA ILE B 137 -6.05 -15.86 16.69
C ILE B 137 -5.99 -14.37 17.03
N THR B 138 -7.14 -13.70 16.98
CA THR B 138 -7.17 -12.29 17.33
C THR B 138 -7.56 -12.14 18.80
N MET B 139 -8.82 -12.40 19.12
CA MET B 139 -9.25 -12.29 20.51
C MET B 139 -9.28 -13.56 21.33
N LEU B 140 -8.97 -13.38 22.62
CA LEU B 140 -9.01 -14.45 23.60
C LEU B 140 -10.14 -14.03 24.54
N ALA B 141 -10.99 -14.99 24.91
CA ALA B 141 -12.09 -14.68 25.82
C ALA B 141 -12.38 -15.92 26.68
N TRP B 142 -12.58 -15.69 27.97
CA TRP B 142 -12.87 -16.78 28.90
C TRP B 142 -14.32 -17.21 28.94
N ALA B 143 -14.52 -18.50 29.20
CA ALA B 143 -15.86 -19.03 29.37
C ALA B 143 -16.26 -18.37 30.67
N ARG B 144 -17.54 -18.07 30.83
CA ARG B 144 -17.99 -17.43 32.07
C ARG B 144 -17.68 -18.28 33.30
N ASP B 145 -17.56 -19.59 33.13
CA ASP B 145 -17.26 -20.45 34.27
C ASP B 145 -15.75 -20.66 34.45
N GLY B 146 -14.97 -19.96 33.63
CA GLY B 146 -13.52 -20.04 33.70
C GLY B 146 -12.90 -21.38 33.37
N SER B 147 -13.68 -22.29 32.79
CA SER B 147 -13.16 -23.61 32.47
C SER B 147 -12.48 -23.70 31.10
N LYS B 148 -12.89 -22.84 30.17
CA LYS B 148 -12.34 -22.86 28.82
C LYS B 148 -11.85 -21.48 28.40
N LEU B 149 -10.93 -21.46 27.43
CA LEU B 149 -10.40 -20.21 26.90
C LEU B 149 -10.68 -20.32 25.43
N TYR B 150 -11.40 -19.35 24.88
CA TYR B 150 -11.71 -19.39 23.45
C TYR B 150 -10.81 -18.44 22.69
N GLY B 151 -10.42 -18.85 21.48
CA GLY B 151 -9.58 -18.03 20.63
C GLY B 151 -10.22 -17.92 19.26
N LEU B 152 -10.44 -16.70 18.81
CA LEU B 152 -11.06 -16.47 17.50
C LEU B 152 -10.02 -16.48 16.38
N GLY B 153 -9.87 -17.63 15.70
CA GLY B 153 -8.91 -17.73 14.61
C GLY B 153 -9.62 -18.14 13.35
N ARG B 154 -8.99 -18.94 12.51
N ARG B 154 -8.98 -18.96 12.52
CA ARG B 154 -9.64 -19.39 11.29
CA ARG B 154 -9.60 -19.43 11.29
C ARG B 154 -10.88 -20.19 11.67
C ARG B 154 -10.85 -20.23 11.66
N ASP B 155 -10.91 -20.63 12.93
CA ASP B 155 -12.04 -21.37 13.48
C ASP B 155 -12.10 -20.90 14.94
N LEU B 156 -13.23 -21.11 15.61
CA LEU B 156 -13.36 -20.71 17.00
C LEU B 156 -12.65 -21.80 17.81
N HIS B 157 -11.45 -21.50 18.30
CA HIS B 157 -10.67 -22.47 19.04
C HIS B 157 -11.03 -22.57 20.52
N VAL B 158 -11.33 -23.79 20.96
CA VAL B 158 -11.68 -24.06 22.35
C VAL B 158 -10.46 -24.65 23.04
N MET B 159 -9.91 -23.92 24.00
CA MET B 159 -8.72 -24.40 24.70
C MET B 159 -8.95 -24.64 26.17
N ASP B 160 -8.29 -25.66 26.70
CA ASP B 160 -8.36 -26.00 28.12
C ASP B 160 -7.12 -25.36 28.74
N PRO B 161 -7.28 -24.25 29.47
CA PRO B 161 -6.16 -23.54 30.10
C PRO B 161 -5.45 -24.36 31.17
N GLU B 162 -6.17 -25.33 31.72
CA GLU B 162 -5.63 -26.19 32.77
C GLU B 162 -4.63 -27.18 32.18
N ALA B 163 -5.04 -27.87 31.11
CA ALA B 163 -4.18 -28.82 30.46
C ALA B 163 -3.30 -28.13 29.42
N GLY B 164 -3.68 -26.90 29.05
CA GLY B 164 -2.93 -26.15 28.06
C GLY B 164 -3.00 -26.85 26.70
N THR B 165 -4.21 -27.15 26.26
CA THR B 165 -4.43 -27.86 24.98
C THR B 165 -5.65 -27.35 24.21
N LEU B 166 -5.73 -27.74 22.95
CA LEU B 166 -6.83 -27.39 22.08
C LEU B 166 -7.77 -28.60 22.08
N VAL B 167 -8.93 -28.44 22.71
CA VAL B 167 -9.87 -29.55 22.79
C VAL B 167 -10.93 -29.60 21.70
N GLU B 168 -11.30 -28.43 21.18
CA GLU B 168 -12.34 -28.40 20.15
C GLU B 168 -12.23 -27.19 19.24
N ASP B 169 -12.64 -27.39 17.99
CA ASP B 169 -12.65 -26.32 16.99
C ASP B 169 -14.07 -26.16 16.47
N LYS B 170 -14.65 -24.99 16.72
CA LYS B 170 -15.99 -24.68 16.25
C LYS B 170 -15.83 -24.05 14.88
N PRO B 171 -16.36 -24.70 13.84
CA PRO B 171 -16.29 -24.25 12.44
C PRO B 171 -16.67 -22.80 12.16
N ILE B 172 -15.87 -22.18 11.31
CA ILE B 172 -16.08 -20.82 10.86
C ILE B 172 -15.71 -20.91 9.39
N GLN B 173 -14.43 -21.17 9.17
CA GLN B 173 -13.83 -21.33 7.85
C GLN B 173 -14.68 -22.12 6.88
N SER B 174 -15.29 -23.21 7.36
CA SER B 174 -16.10 -24.07 6.51
C SER B 174 -17.59 -24.10 6.86
N TRP B 175 -18.08 -23.02 7.47
CA TRP B 175 -19.48 -22.92 7.85
C TRP B 175 -20.43 -23.01 6.64
N GLU B 176 -21.36 -23.95 6.68
CA GLU B 176 -22.34 -24.11 5.60
C GLU B 176 -21.68 -23.97 4.22
N ALA B 177 -20.64 -24.75 3.97
CA ALA B 177 -19.91 -24.68 2.70
C ALA B 177 -20.72 -25.07 1.45
N GLU B 178 -21.74 -25.90 1.62
CA GLU B 178 -22.55 -26.32 0.48
C GLU B 178 -23.43 -25.16 0.00
N THR B 179 -23.61 -24.16 0.86
CA THR B 179 -24.45 -23.01 0.55
C THR B 179 -23.69 -21.68 0.40
N TYR B 180 -22.85 -21.35 1.37
CA TYR B 180 -22.11 -20.09 1.35
C TYR B 180 -20.62 -20.18 1.06
N ALA B 181 -20.07 -19.05 0.62
CA ALA B 181 -18.64 -18.94 0.33
C ALA B 181 -17.93 -18.79 1.66
N GLN B 182 -16.65 -19.15 1.72
CA GLN B 182 -15.88 -19.06 2.96
C GLN B 182 -16.10 -17.73 3.66
N PRO B 183 -16.52 -17.76 4.93
CA PRO B 183 -16.77 -16.54 5.69
C PRO B 183 -15.52 -15.69 5.87
N ASP B 184 -15.67 -14.38 5.68
CA ASP B 184 -14.57 -13.43 5.84
C ASP B 184 -14.84 -12.77 7.18
N VAL B 185 -13.90 -12.90 8.11
CA VAL B 185 -14.06 -12.34 9.44
C VAL B 185 -12.89 -11.47 9.86
N LEU B 186 -13.16 -10.19 10.13
CA LEU B 186 -12.15 -9.23 10.57
C LEU B 186 -12.63 -8.74 11.93
N ALA B 187 -12.18 -9.40 12.98
CA ALA B 187 -12.59 -9.07 14.33
C ALA B 187 -11.38 -8.86 15.23
N VAL B 188 -11.29 -7.67 15.82
CA VAL B 188 -10.18 -7.31 16.67
C VAL B 188 -10.64 -6.54 17.91
N TRP B 189 -11.94 -6.34 18.03
CA TRP B 189 -12.48 -5.57 19.14
C TRP B 189 -13.09 -6.36 20.29
N ASN B 190 -12.46 -6.24 21.45
CA ASN B 190 -12.91 -6.92 22.68
C ASN B 190 -14.03 -6.06 23.29
N GLN B 191 -15.26 -6.57 23.26
CA GLN B 191 -16.42 -5.81 23.75
C GLN B 191 -17.66 -6.71 24.02
N HIS B 192 -17.44 -7.82 24.70
CA HIS B 192 -18.51 -8.78 25.00
C HIS B 192 -18.91 -8.78 26.48
N GLU B 193 -18.22 -7.99 27.30
CA GLU B 193 -18.47 -7.92 28.73
C GLU B 193 -19.92 -7.78 29.16
N SER B 194 -20.63 -6.82 28.58
CA SER B 194 -22.01 -6.54 28.93
C SER B 194 -22.97 -7.69 28.69
N SER B 195 -22.73 -8.44 27.62
CA SER B 195 -23.62 -9.54 27.27
C SER B 195 -23.05 -10.93 27.52
N GLY B 196 -21.73 -11.02 27.60
CA GLY B 196 -21.11 -12.31 27.78
C GLY B 196 -21.15 -13.01 26.44
N VAL B 197 -21.36 -12.22 25.38
CA VAL B 197 -21.41 -12.75 24.04
C VAL B 197 -20.40 -12.08 23.10
N MET B 198 -19.43 -12.85 22.61
CA MET B 198 -18.44 -12.32 21.69
C MET B 198 -19.04 -12.40 20.29
N ALA B 199 -19.26 -11.25 19.66
CA ALA B 199 -19.87 -11.24 18.34
C ALA B 199 -19.14 -10.39 17.31
N THR B 200 -19.15 -10.88 16.07
CA THR B 200 -18.51 -10.17 14.99
C THR B 200 -19.28 -10.38 13.71
N PRO B 201 -19.34 -9.36 12.86
CA PRO B 201 -20.06 -9.57 11.60
C PRO B 201 -19.12 -10.37 10.72
N PHE B 202 -19.66 -11.10 9.76
CA PHE B 202 -18.83 -11.84 8.83
C PHE B 202 -19.48 -11.68 7.46
N TYR B 203 -18.68 -11.79 6.40
CA TYR B 203 -19.18 -11.60 5.06
C TYR B 203 -19.00 -12.83 4.19
N THR B 204 -20.04 -13.16 3.44
CA THR B 204 -20.05 -14.34 2.59
C THR B 204 -20.94 -14.13 1.37
N ALA B 205 -21.18 -15.19 0.61
CA ALA B 205 -22.02 -15.09 -0.57
C ALA B 205 -22.74 -16.40 -0.85
N ARG B 206 -23.91 -16.30 -1.50
CA ARG B 206 -24.68 -17.48 -1.86
C ARG B 206 -23.94 -18.11 -3.02
N LYS B 207 -23.57 -19.38 -2.90
CA LYS B 207 -22.82 -20.02 -3.98
C LYS B 207 -23.63 -20.23 -5.25
N ASP B 208 -24.93 -20.44 -5.10
CA ASP B 208 -25.77 -20.66 -6.27
C ASP B 208 -26.31 -19.36 -6.90
N ILE B 209 -25.58 -18.26 -6.70
CA ILE B 209 -26.01 -16.99 -7.29
C ILE B 209 -24.84 -16.35 -8.01
N ASP B 210 -25.05 -15.94 -9.25
CA ASP B 210 -24.01 -15.30 -10.05
C ASP B 210 -23.23 -14.31 -9.19
N PRO B 211 -21.89 -14.49 -9.08
CA PRO B 211 -21.02 -13.62 -8.28
C PRO B 211 -20.98 -12.17 -8.76
N ALA B 212 -21.53 -11.92 -9.94
CA ALA B 212 -21.55 -10.57 -10.48
C ALA B 212 -22.75 -9.82 -9.90
N ASP B 213 -23.77 -10.59 -9.54
CA ASP B 213 -25.01 -10.06 -8.96
C ASP B 213 -24.79 -9.62 -7.51
N PRO B 214 -24.92 -8.30 -7.25
CA PRO B 214 -24.74 -7.75 -5.90
C PRO B 214 -25.61 -8.39 -4.81
N THR B 215 -26.68 -9.06 -5.21
CA THR B 215 -27.55 -9.69 -4.23
C THR B 215 -27.01 -11.06 -3.78
N ALA B 216 -25.84 -11.41 -4.31
CA ALA B 216 -25.21 -12.68 -3.95
C ALA B 216 -24.52 -12.55 -2.60
N TYR B 217 -23.99 -11.35 -2.34
CA TYR B 217 -23.26 -11.08 -1.09
C TYR B 217 -24.15 -10.84 0.11
N ARG B 218 -23.89 -11.61 1.17
CA ARG B 218 -24.66 -11.52 2.38
C ARG B 218 -23.80 -11.16 3.59
N THR B 219 -24.41 -10.49 4.56
CA THR B 219 -23.74 -10.11 5.80
C THR B 219 -24.25 -11.03 6.88
N GLY B 220 -23.34 -11.70 7.59
CA GLY B 220 -23.75 -12.59 8.65
C GLY B 220 -23.31 -12.13 10.02
N LEU B 221 -23.83 -12.79 11.05
CA LEU B 221 -23.47 -12.45 12.41
C LEU B 221 -22.94 -13.71 13.09
N LEU B 222 -21.78 -13.57 13.73
CA LEU B 222 -21.16 -14.69 14.44
C LEU B 222 -21.28 -14.38 15.92
N THR B 223 -21.95 -15.24 16.67
CA THR B 223 -22.08 -15.01 18.10
C THR B 223 -21.56 -16.20 18.88
N MET B 224 -20.61 -15.91 19.77
CA MET B 224 -20.02 -16.93 20.61
C MET B 224 -20.47 -16.57 22.02
N ASP B 225 -21.41 -17.34 22.57
CA ASP B 225 -21.91 -17.09 23.90
C ASP B 225 -20.93 -17.72 24.88
N LEU B 226 -20.29 -16.88 25.68
CA LEU B 226 -19.30 -17.34 26.64
C LEU B 226 -19.89 -18.02 27.88
N GLU B 227 -21.21 -17.87 28.05
N GLU B 227 -21.21 -17.88 28.07
CA GLU B 227 -21.89 -18.49 29.20
CA GLU B 227 -21.87 -18.51 29.20
C GLU B 227 -22.33 -19.91 28.85
C GLU B 227 -22.32 -19.93 28.85
N THR B 228 -23.00 -20.05 27.72
CA THR B 228 -23.49 -21.35 27.26
C THR B 228 -22.47 -22.13 26.44
N GLY B 229 -21.42 -21.45 25.99
CA GLY B 229 -20.39 -22.08 25.19
C GLY B 229 -20.85 -22.38 23.77
N GLU B 230 -21.97 -21.78 23.36
CA GLU B 230 -22.49 -22.01 22.01
C GLU B 230 -22.18 -20.90 21.03
N MET B 231 -21.77 -21.28 19.82
CA MET B 231 -21.49 -20.30 18.78
C MET B 231 -22.52 -20.45 17.68
N ALA B 232 -23.04 -19.32 17.20
CA ALA B 232 -24.03 -19.32 16.15
C ALA B 232 -23.63 -18.44 14.98
N MET B 233 -23.82 -18.95 13.78
CA MET B 233 -23.50 -18.21 12.57
C MET B 233 -24.71 -18.19 11.64
N ARG B 234 -25.21 -16.99 11.38
CA ARG B 234 -26.37 -16.85 10.51
C ARG B 234 -26.38 -15.55 9.75
N GLU B 235 -26.96 -15.62 8.55
CA GLU B 235 -27.09 -14.45 7.68
C GLU B 235 -28.12 -13.51 8.30
N VAL B 236 -27.91 -12.20 8.17
CA VAL B 236 -28.85 -11.22 8.73
C VAL B 236 -29.35 -10.18 7.72
N ARG B 237 -28.66 -10.06 6.57
CA ARG B 237 -29.08 -9.11 5.53
C ARG B 237 -28.19 -9.21 4.28
N ILE B 238 -28.71 -8.68 3.17
CA ILE B 238 -27.97 -8.66 1.93
C ILE B 238 -26.92 -7.57 2.12
N MET B 239 -25.66 -7.93 1.95
CA MET B 239 -24.57 -6.99 2.18
C MET B 239 -24.51 -5.77 1.26
N ASP B 240 -24.83 -4.61 1.81
CA ASP B 240 -24.76 -3.38 1.02
C ASP B 240 -23.70 -2.47 1.62
N VAL B 241 -23.43 -2.65 2.91
CA VAL B 241 -22.41 -1.86 3.61
C VAL B 241 -21.55 -2.78 4.50
N PHE B 242 -20.47 -2.22 5.04
CA PHE B 242 -19.54 -2.98 5.88
C PHE B 242 -19.51 -2.42 7.30
N TYR B 243 -19.39 -3.30 8.30
CA TYR B 243 -19.29 -2.88 9.68
C TYR B 243 -17.99 -3.45 10.24
N PHE B 244 -17.28 -2.68 11.05
CA PHE B 244 -16.03 -3.15 11.63
C PHE B 244 -16.21 -4.08 12.81
N SER B 245 -17.17 -3.77 13.68
CA SER B 245 -17.44 -4.59 14.86
C SER B 245 -18.91 -4.53 15.29
N THR B 246 -19.27 -5.37 16.25
CA THR B 246 -20.63 -5.44 16.75
C THR B 246 -20.64 -5.83 18.23
N ALA B 247 -21.65 -5.34 18.94
CA ALA B 247 -21.82 -5.65 20.36
C ALA B 247 -23.27 -6.09 20.56
N VAL B 248 -23.46 -7.11 21.38
CA VAL B 248 -24.79 -7.64 21.67
C VAL B 248 -25.29 -7.06 23.00
N ASN B 249 -26.60 -6.82 23.10
CA ASN B 249 -27.13 -6.26 24.36
C ASN B 249 -27.21 -7.34 25.43
N PRO B 250 -27.24 -6.94 26.71
CA PRO B 250 -27.32 -7.89 27.83
C PRO B 250 -28.46 -8.90 27.70
N ALA B 251 -29.55 -8.51 27.05
CA ALA B 251 -30.70 -9.41 26.88
C ALA B 251 -30.46 -10.42 25.79
N LYS B 252 -29.48 -10.14 24.95
CA LYS B 252 -29.12 -11.02 23.84
C LYS B 252 -30.22 -11.04 22.79
N THR B 253 -30.91 -9.91 22.64
CA THR B 253 -31.99 -9.79 21.66
C THR B 253 -31.55 -8.87 20.52
N ARG B 254 -30.45 -8.16 20.71
CA ARG B 254 -29.97 -7.26 19.68
C ARG B 254 -28.46 -7.11 19.57
N ALA B 255 -28.02 -6.82 18.34
CA ALA B 255 -26.62 -6.63 18.03
C ALA B 255 -26.54 -5.34 17.22
N PHE B 256 -25.53 -4.54 17.51
CA PHE B 256 -25.36 -3.27 16.82
C PHE B 256 -24.02 -3.25 16.08
N GLY B 257 -24.08 -2.92 14.79
CA GLY B 257 -22.86 -2.88 13.97
C GLY B 257 -22.49 -1.46 13.58
N ALA B 258 -21.20 -1.19 13.41
CA ALA B 258 -20.76 0.15 13.04
C ALA B 258 -19.47 0.28 12.24
N TYR B 259 -19.37 1.41 11.55
CA TYR B 259 -18.23 1.82 10.73
C TYR B 259 -18.58 3.22 10.30
N ASN B 260 -19.25 3.34 9.16
CA ASN B 260 -19.68 4.64 8.65
C ASN B 260 -21.17 4.83 8.90
N VAL B 261 -21.83 3.76 9.34
CA VAL B 261 -23.25 3.80 9.68
C VAL B 261 -23.42 2.95 10.93
N LEU B 262 -24.54 3.16 11.64
CA LEU B 262 -24.85 2.40 12.84
C LEU B 262 -26.12 1.63 12.50
N GLU B 263 -26.07 0.31 12.66
CA GLU B 263 -27.26 -0.48 12.35
C GLU B 263 -27.54 -1.51 13.44
N SER B 264 -28.83 -1.64 13.79
CA SER B 264 -29.25 -2.57 14.82
C SER B 264 -29.88 -3.80 14.18
N PHE B 265 -29.67 -4.95 14.81
CA PHE B 265 -30.23 -6.17 14.30
C PHE B 265 -31.05 -6.88 15.35
N ASP B 266 -32.15 -7.48 14.90
CA ASP B 266 -33.03 -8.23 15.77
C ASP B 266 -32.46 -9.65 15.70
N LEU B 267 -31.91 -10.11 16.80
CA LEU B 267 -31.32 -11.44 16.86
C LEU B 267 -32.35 -12.55 16.87
N GLU B 268 -33.59 -12.21 17.19
CA GLU B 268 -34.65 -13.20 17.23
C GLU B 268 -35.19 -13.45 15.83
N LYS B 269 -35.09 -12.47 14.96
CA LYS B 269 -35.56 -12.61 13.58
C LYS B 269 -34.34 -12.70 12.65
N ASN B 270 -33.18 -12.31 13.17
CA ASN B 270 -31.95 -12.31 12.38
C ASN B 270 -32.17 -11.41 11.17
N ALA B 271 -32.66 -10.20 11.43
CA ALA B 271 -32.90 -9.24 10.36
C ALA B 271 -32.69 -7.83 10.90
N SER B 272 -32.42 -6.90 9.99
CA SER B 272 -32.18 -5.51 10.33
C SER B 272 -33.40 -4.83 10.94
N ILE B 273 -33.15 -3.94 11.89
CA ILE B 273 -34.18 -3.18 12.58
C ILE B 273 -34.17 -1.72 12.14
N LYS B 274 -32.96 -1.14 12.08
CA LYS B 274 -32.83 0.25 11.66
C LYS B 274 -31.37 0.62 11.42
N ARG B 275 -31.16 1.64 10.58
CA ARG B 275 -29.81 2.10 10.28
C ARG B 275 -29.79 3.62 10.22
N VAL B 276 -28.72 4.21 10.75
CA VAL B 276 -28.54 5.65 10.73
C VAL B 276 -27.08 5.96 10.35
N PRO B 277 -26.84 7.11 9.71
CA PRO B 277 -25.48 7.49 9.32
C PRO B 277 -24.69 8.00 10.50
N LEU B 278 -23.38 8.15 10.32
CA LEU B 278 -22.50 8.63 11.39
C LEU B 278 -21.67 9.83 10.91
N PRO B 279 -21.28 10.73 11.83
CA PRO B 279 -20.49 11.93 11.51
C PRO B 279 -19.08 11.62 11.00
N HIS B 280 -18.52 10.49 11.43
CA HIS B 280 -17.21 10.04 10.98
C HIS B 280 -17.10 8.55 11.23
N SER B 281 -16.05 7.92 10.71
CA SER B 281 -15.87 6.49 10.88
C SER B 281 -15.63 6.10 12.33
N TYR B 282 -16.24 4.99 12.75
CA TYR B 282 -16.05 4.47 14.10
C TYR B 282 -15.66 3.00 13.98
N TYR B 283 -15.02 2.47 15.01
CA TYR B 283 -14.60 1.07 15.02
C TYR B 283 -15.32 0.22 16.07
N SER B 284 -15.33 0.70 17.31
CA SER B 284 -15.92 -0.04 18.43
C SER B 284 -17.39 0.19 18.73
N VAL B 285 -17.98 -0.82 19.39
CA VAL B 285 -19.37 -0.81 19.77
C VAL B 285 -19.53 -1.52 21.12
N ASN B 286 -20.26 -0.89 22.03
CA ASN B 286 -20.52 -1.50 23.34
C ASN B 286 -21.93 -1.12 23.76
N VAL B 287 -22.50 -1.90 24.67
CA VAL B 287 -23.86 -1.65 25.12
C VAL B 287 -23.93 -1.53 26.65
N SER B 288 -24.60 -0.48 27.12
CA SER B 288 -24.75 -0.24 28.55
C SER B 288 -25.42 -1.42 29.26
N THR B 289 -25.21 -1.50 30.57
CA THR B 289 -25.78 -2.58 31.37
C THR B 289 -27.30 -2.70 31.25
N ASP B 290 -27.99 -1.57 31.09
CA ASP B 290 -29.44 -1.58 30.97
C ASP B 290 -29.92 -1.78 29.54
N GLY B 291 -28.97 -2.03 28.64
CA GLY B 291 -29.30 -2.25 27.23
C GLY B 291 -29.91 -1.10 26.49
N SER B 292 -30.00 0.06 27.14
CA SER B 292 -30.63 1.24 26.53
C SER B 292 -29.70 2.14 25.72
N THR B 293 -28.40 2.09 26.01
CA THR B 293 -27.46 2.95 25.30
C THR B 293 -26.37 2.19 24.55
N VAL B 294 -26.17 2.56 23.29
CA VAL B 294 -25.14 1.95 22.45
C VAL B 294 -24.02 2.98 22.37
N TRP B 295 -22.78 2.52 22.55
CA TRP B 295 -21.62 3.40 22.51
C TRP B 295 -20.67 3.06 21.37
N LEU B 296 -20.30 4.08 20.60
CA LEU B 296 -19.38 3.88 19.49
C LEU B 296 -18.04 4.53 19.86
N GLY B 297 -16.95 3.88 19.46
CA GLY B 297 -15.63 4.43 19.75
C GLY B 297 -14.58 4.09 18.71
N GLY B 298 -13.32 4.31 19.07
CA GLY B 298 -12.22 4.03 18.15
C GLY B 298 -12.08 5.06 17.06
N ALA B 299 -11.09 4.88 16.19
CA ALA B 299 -10.81 5.78 15.07
C ALA B 299 -10.33 7.15 15.53
N LEU B 300 -11.23 7.97 16.05
CA LEU B 300 -10.86 9.29 16.52
C LEU B 300 -10.84 9.35 18.04
N GLY B 301 -11.14 10.52 18.61
CA GLY B 301 -11.10 10.65 20.05
C GLY B 301 -12.37 11.06 20.76
N ASP B 302 -13.51 10.49 20.36
CA ASP B 302 -14.76 10.83 21.02
C ASP B 302 -15.67 9.61 21.11
N LEU B 303 -16.27 9.43 22.28
CA LEU B 303 -17.18 8.31 22.51
C LEU B 303 -18.59 8.87 22.29
N ALA B 304 -19.34 8.25 21.39
CA ALA B 304 -20.69 8.71 21.09
C ALA B 304 -21.73 7.75 21.64
N ALA B 305 -22.74 8.31 22.29
CA ALA B 305 -23.81 7.52 22.87
C ALA B 305 -25.03 7.57 21.95
N TYR B 306 -25.68 6.43 21.78
CA TYR B 306 -26.86 6.34 20.93
C TYR B 306 -27.96 5.56 21.65
N ASP B 307 -29.21 5.96 21.45
CA ASP B 307 -30.35 5.27 22.05
C ASP B 307 -30.49 3.94 21.32
N ALA B 308 -30.41 2.85 22.05
CA ALA B 308 -30.52 1.51 21.47
C ALA B 308 -31.77 1.31 20.63
N GLU B 309 -32.84 2.00 21.00
CA GLU B 309 -34.12 1.86 20.30
C GLU B 309 -34.26 2.67 19.02
N THR B 310 -34.07 3.98 19.12
CA THR B 310 -34.21 4.85 17.96
C THR B 310 -32.90 5.12 17.23
N LEU B 311 -31.79 4.75 17.85
CA LEU B 311 -30.46 4.98 17.27
C LEU B 311 -30.22 6.48 17.12
N GLU B 312 -30.88 7.25 17.97
CA GLU B 312 -30.73 8.70 17.95
C GLU B 312 -29.53 8.99 18.83
N LYS B 313 -28.72 9.97 18.43
CA LYS B 313 -27.54 10.30 19.23
C LYS B 313 -27.94 11.04 20.51
N LYS B 314 -27.54 10.47 21.64
CA LYS B 314 -27.84 11.04 22.94
C LYS B 314 -26.79 12.06 23.35
N GLY B 315 -25.53 11.77 23.04
CA GLY B 315 -24.46 12.69 23.40
C GLY B 315 -23.10 12.24 22.96
N GLN B 316 -22.08 12.92 23.45
CA GLN B 316 -20.70 12.62 23.07
C GLN B 316 -19.71 13.06 24.15
N VAL B 317 -18.72 12.22 24.43
CA VAL B 317 -17.70 12.52 25.41
C VAL B 317 -16.34 12.53 24.72
N ASP B 318 -15.69 13.68 24.70
CA ASP B 318 -14.39 13.81 24.07
C ASP B 318 -13.27 13.42 25.02
N LEU B 319 -12.35 12.58 24.53
CA LEU B 319 -11.22 12.17 25.35
C LEU B 319 -10.32 13.40 25.43
N PRO B 320 -9.46 13.49 26.46
CA PRO B 320 -8.60 14.67 26.55
C PRO B 320 -7.73 14.90 25.31
N GLY B 321 -7.78 16.12 24.81
CA GLY B 321 -7.00 16.49 23.64
C GLY B 321 -7.44 15.75 22.40
N ASN B 322 -8.63 15.19 22.43
CA ASN B 322 -9.15 14.46 21.29
C ASN B 322 -8.17 13.35 20.88
N ALA B 323 -7.35 12.88 21.83
CA ALA B 323 -6.39 11.82 21.54
C ALA B 323 -7.11 10.63 20.94
N SER B 324 -6.64 10.17 19.78
CA SER B 324 -7.26 9.04 19.10
C SER B 324 -7.25 7.72 19.86
N MET B 325 -8.29 6.92 19.61
CA MET B 325 -8.44 5.60 20.22
C MET B 325 -7.93 4.54 19.26
N SER B 326 -7.74 4.92 18.01
CA SER B 326 -7.28 4.01 16.97
C SER B 326 -8.13 2.74 16.99
N LEU B 327 -7.50 1.58 16.81
CA LEU B 327 -8.22 0.32 16.82
C LEU B 327 -8.15 -0.39 18.18
N ALA B 328 -7.79 0.35 19.21
CA ALA B 328 -7.71 -0.23 20.55
C ALA B 328 -9.11 -0.58 21.04
N SER B 329 -9.21 -1.56 21.93
CA SER B 329 -10.51 -1.98 22.45
C SER B 329 -11.08 -1.00 23.48
N VAL B 330 -12.40 -0.82 23.43
CA VAL B 330 -13.10 0.07 24.35
C VAL B 330 -14.03 -0.79 25.18
N ARG B 331 -13.85 -0.73 26.50
CA ARG B 331 -14.64 -1.57 27.39
C ARG B 331 -15.51 -0.79 28.36
N LEU B 332 -16.64 -1.41 28.70
CA LEU B 332 -17.61 -0.82 29.60
C LEU B 332 -17.63 -1.65 30.88
N PHE B 333 -17.47 -0.98 32.02
CA PHE B 333 -17.48 -1.70 33.29
C PHE B 333 -18.42 -1.02 34.29
N THR B 334 -18.69 -1.71 35.40
CA THR B 334 -19.57 -1.17 36.42
C THR B 334 -18.92 -1.07 37.79
N ARG B 335 -19.52 -0.28 38.66
CA ARG B 335 -19.05 -0.08 40.02
C ARG B 335 -20.28 0.04 40.91
N ASP B 336 -20.43 -0.84 41.88
CA ASP B 336 -21.57 -0.80 42.78
C ASP B 336 -21.66 0.60 43.38
N GLU B 337 -22.76 1.29 43.07
CA GLU B 337 -23.05 2.65 43.53
C GLU B 337 -22.05 3.19 44.56
N MET C 1 -6.31 -3.79 -9.09
CA MET C 1 -5.27 -3.03 -8.35
C MET C 1 -3.89 -3.36 -8.92
N ASN C 2 -3.89 -4.21 -9.95
CA ASN C 2 -2.68 -4.62 -10.63
C ASN C 2 -2.14 -3.45 -11.46
N ALA C 3 -3.05 -2.63 -11.97
CA ALA C 3 -2.66 -1.47 -12.76
C ALA C 3 -2.19 -0.36 -11.82
N LEU C 4 -2.71 -0.37 -10.60
CA LEU C 4 -2.35 0.61 -9.59
C LEU C 4 -1.10 0.11 -8.87
N VAL C 5 0.04 0.23 -9.55
CA VAL C 5 1.32 -0.20 -9.00
C VAL C 5 1.69 0.65 -7.80
N GLY C 6 1.96 0.01 -6.67
CA GLY C 6 2.31 0.76 -5.47
C GLY C 6 1.18 0.84 -4.46
N CYS C 7 -0.04 0.53 -4.90
CA CYS C 7 -1.20 0.53 -4.01
C CYS C 7 -1.44 -0.88 -3.50
N THR C 8 -2.13 -0.99 -2.38
CA THR C 8 -2.41 -2.27 -1.76
C THR C 8 -3.63 -2.99 -2.33
N THR C 9 -3.58 -4.33 -2.31
CA THR C 9 -4.69 -5.15 -2.79
C THR C 9 -5.30 -5.87 -1.60
N SER C 10 -4.91 -5.45 -0.39
CA SER C 10 -5.46 -6.01 0.85
C SER C 10 -6.60 -5.06 1.21
N PHE C 11 -7.81 -5.41 0.80
CA PHE C 11 -8.97 -4.56 1.05
C PHE C 11 -9.67 -4.80 2.38
N ASP C 12 -9.20 -4.14 3.43
CA ASP C 12 -9.78 -4.26 4.77
C ASP C 12 -10.17 -2.91 5.39
N PRO C 13 -10.88 -2.04 4.65
CA PRO C 13 -11.40 -2.14 3.28
C PRO C 13 -10.42 -1.73 2.19
N GLY C 14 -9.23 -1.25 2.57
CA GLY C 14 -8.24 -0.86 1.59
C GLY C 14 -7.60 0.49 1.92
N TRP C 15 -6.70 0.95 1.06
CA TRP C 15 -6.06 2.24 1.28
C TRP C 15 -6.25 3.13 0.06
N GLU C 16 -5.73 2.70 -1.09
CA GLU C 16 -5.89 3.48 -2.31
C GLU C 16 -7.33 3.41 -2.80
N VAL C 17 -7.90 2.20 -2.81
CA VAL C 17 -9.27 1.96 -3.27
C VAL C 17 -9.98 0.91 -2.39
N ASP C 18 -11.31 1.01 -2.32
N ASP C 18 -11.30 1.02 -2.26
CA ASP C 18 -12.14 0.10 -1.53
CA ASP C 18 -12.03 0.07 -1.42
C ASP C 18 -12.24 -1.28 -2.14
C ASP C 18 -12.27 -1.26 -2.11
N ALA C 19 -12.73 -2.23 -1.33
CA ALA C 19 -12.95 -3.59 -1.81
C ALA C 19 -14.12 -3.56 -2.79
N PHE C 20 -14.72 -2.38 -2.96
CA PHE C 20 -15.84 -2.22 -3.87
C PHE C 20 -15.39 -1.51 -5.14
N GLY C 21 -14.10 -1.21 -5.23
CA GLY C 21 -13.59 -0.53 -6.40
C GLY C 21 -13.90 0.96 -6.44
N ALA C 22 -14.14 1.55 -5.28
CA ALA C 22 -14.45 2.97 -5.16
C ALA C 22 -13.63 3.54 -4.01
N VAL C 23 -13.96 4.75 -3.58
CA VAL C 23 -13.25 5.36 -2.46
C VAL C 23 -14.18 5.80 -1.34
N SER C 24 -15.48 5.54 -1.49
CA SER C 24 -16.46 5.93 -0.49
C SER C 24 -16.49 5.03 0.75
N ASN C 25 -15.90 3.85 0.65
CA ASN C 25 -15.87 2.94 1.79
C ASN C 25 -14.54 3.04 2.56
N LEU C 26 -13.64 3.90 2.09
CA LEU C 26 -12.39 4.12 2.79
C LEU C 26 -12.86 4.95 3.98
N CYS C 27 -12.03 5.13 4.98
CA CYS C 27 -12.42 5.92 6.15
C CYS C 27 -12.92 7.30 5.77
N GLN C 28 -13.88 7.80 6.52
CA GLN C 28 -14.46 9.13 6.28
C GLN C 28 -14.36 9.96 7.57
N PRO C 29 -13.37 10.85 7.66
CA PRO C 29 -12.35 11.11 6.63
C PRO C 29 -11.21 10.09 6.80
N MET C 30 -10.30 10.06 5.84
CA MET C 30 -9.17 9.13 5.88
C MET C 30 -8.43 9.16 7.21
N GLU C 31 -8.19 10.35 7.76
CA GLU C 31 -7.46 10.43 9.03
C GLU C 31 -8.17 9.73 10.18
N ALA C 32 -9.38 9.23 9.93
CA ALA C 32 -10.15 8.50 10.94
C ALA C 32 -9.74 7.02 10.93
N ASP C 33 -9.17 6.58 9.81
CA ASP C 33 -8.72 5.20 9.66
C ASP C 33 -7.20 5.13 9.66
N LEU C 34 -6.55 6.28 9.73
CA LEU C 34 -5.10 6.34 9.68
C LEU C 34 -4.40 5.48 10.71
N TYR C 35 -4.62 5.77 11.99
CA TYR C 35 -3.96 5.02 13.03
C TYR C 35 -4.42 3.57 13.09
N GLY C 36 -5.63 3.30 12.59
CA GLY C 36 -6.13 1.94 12.57
C GLY C 36 -5.27 1.14 11.61
N CYS C 37 -4.75 1.81 10.58
CA CYS C 37 -3.90 1.16 9.58
C CYS C 37 -2.44 1.11 10.06
N ALA C 38 -1.98 2.18 10.71
CA ALA C 38 -0.61 2.28 11.19
C ALA C 38 -0.24 1.42 12.40
N ASP C 39 -0.97 1.58 13.49
CA ASP C 39 -0.68 0.86 14.72
C ASP C 39 -0.52 -0.66 14.58
N PRO C 40 -1.36 -1.31 13.77
CA PRO C 40 -1.22 -2.75 13.62
C PRO C 40 -0.44 -3.11 12.35
N CYS C 41 0.08 -2.08 11.67
CA CYS C 41 0.81 -2.23 10.41
C CYS C 41 0.03 -3.08 9.41
N TRP C 42 -1.21 -2.67 9.17
CA TRP C 42 -2.07 -3.39 8.25
C TRP C 42 -1.66 -3.21 6.80
N PRO C 44 1.75 -1.86 5.72
CA PRO C 44 3.12 -1.37 5.92
C PRO C 44 3.81 -0.81 4.68
N ALA C 45 3.27 -1.10 3.51
CA ALA C 45 3.87 -0.60 2.27
C ALA C 45 3.32 0.78 1.92
N GLN C 46 2.23 1.20 2.58
CA GLN C 46 1.63 2.50 2.30
C GLN C 46 1.51 3.42 3.51
N VAL C 47 1.39 2.84 4.70
CA VAL C 47 1.26 3.63 5.91
C VAL C 47 2.28 3.13 6.92
N ALA C 48 2.99 4.04 7.57
CA ALA C 48 4.00 3.68 8.55
C ALA C 48 3.43 2.77 9.64
N ASP C 49 4.06 1.62 9.86
CA ASP C 49 3.61 0.69 10.88
C ASP C 49 4.28 0.97 12.22
N THR C 50 3.52 1.54 13.15
CA THR C 50 4.06 1.87 14.47
C THR C 50 4.21 0.62 15.33
N LEU C 51 3.70 -0.53 14.87
CA LEU C 51 3.80 -1.76 15.65
C LEU C 51 5.25 -2.23 15.78
N ASN C 52 6.06 -1.98 14.76
CA ASN C 52 7.47 -2.38 14.76
C ASN C 52 8.40 -1.37 14.11
N THR C 53 8.27 -1.21 12.79
CA THR C 53 9.14 -0.32 12.01
C THR C 53 9.24 1.16 12.35
N TYR C 54 8.10 1.84 12.50
CA TYR C 54 8.12 3.27 12.82
C TYR C 54 7.30 3.58 14.06
N PRO C 55 7.77 3.14 15.23
CA PRO C 55 7.09 3.35 16.51
C PRO C 55 6.78 4.79 16.90
N ASN C 56 7.62 5.72 16.48
CA ASN C 56 7.42 7.12 16.84
C ASN C 56 6.85 7.99 15.74
N TRP C 57 6.42 7.35 14.65
CA TRP C 57 5.89 8.07 13.51
C TRP C 57 4.74 9.05 13.81
N SER C 58 3.87 8.73 14.76
CA SER C 58 2.75 9.62 15.06
C SER C 58 2.94 10.50 16.29
N ALA C 59 4.15 10.53 16.84
CA ALA C 59 4.42 11.35 18.02
C ALA C 59 3.96 12.79 17.80
N GLY C 60 3.29 13.35 18.79
CA GLY C 60 2.82 14.73 18.70
C GLY C 60 1.52 14.94 17.94
N ALA C 61 1.03 13.90 17.28
CA ALA C 61 -0.21 14.01 16.54
C ALA C 61 -1.31 13.14 17.13
N ASP C 62 -1.51 13.25 18.45
CA ASP C 62 -2.55 12.44 19.11
C ASP C 62 -3.94 12.79 18.60
N ASP C 63 -4.15 14.06 18.26
CA ASP C 63 -5.41 14.56 17.73
C ASP C 63 -5.25 14.56 16.20
N VAL C 64 -5.52 13.40 15.60
CA VAL C 64 -5.35 13.21 14.16
C VAL C 64 -6.01 14.25 13.28
N MET C 65 -7.23 14.64 13.63
CA MET C 65 -7.96 15.62 12.85
C MET C 65 -7.26 16.97 12.82
N GLN C 66 -6.70 17.37 13.96
CA GLN C 66 -6.01 18.65 14.06
C GLN C 66 -4.52 18.62 13.76
N ASP C 67 -3.85 17.52 14.08
CA ASP C 67 -2.40 17.43 13.89
C ASP C 67 -1.88 16.61 12.73
N TRP C 68 -2.73 16.27 11.78
CA TRP C 68 -2.32 15.45 10.65
C TRP C 68 -1.13 15.99 9.85
N ARG C 69 -0.96 17.30 9.81
CA ARG C 69 0.14 17.89 9.06
C ARG C 69 1.50 17.52 9.61
N LYS C 70 1.51 17.01 10.85
CA LYS C 70 2.75 16.60 11.50
C LYS C 70 3.26 15.25 11.00
N LEU C 71 2.34 14.41 10.50
CA LEU C 71 2.72 13.10 10.00
C LEU C 71 3.52 13.21 8.72
N GLN C 72 4.76 12.75 8.77
CA GLN C 72 5.67 12.82 7.64
C GLN C 72 5.67 11.56 6.78
N SER C 73 6.23 11.69 5.58
CA SER C 73 6.39 10.56 4.70
C SER C 73 7.72 10.01 5.17
N VAL C 74 7.87 8.69 5.23
CA VAL C 74 9.13 8.11 5.69
C VAL C 74 10.13 8.00 4.55
N PHE C 75 9.75 8.53 3.39
CA PHE C 75 10.61 8.52 2.21
C PHE C 75 11.05 9.95 1.98
N PRO C 76 12.31 10.29 2.33
CA PRO C 76 12.90 11.63 2.19
C PRO C 76 12.81 12.25 0.80
N GLU C 77 11.76 11.91 0.05
CA GLU C 77 11.55 12.44 -1.29
C GLU C 77 12.65 12.02 -2.25
N THR C 78 12.34 11.04 -3.10
CA THR C 78 13.28 10.53 -4.10
C THR C 78 12.46 9.65 -5.04
N LYS C 79 13.08 9.03 -6.04
CA LYS C 79 12.35 8.17 -6.95
C LYS C 79 11.79 6.95 -6.23
#